data_2KVE
#
_entry.id   2KVE
#
_entity_poly.entity_id   1
_entity_poly.type   'polypeptide(L)'
_entity_poly.pdbx_seq_one_letter_code
;MGKYDKQIDLSTVDLKKLRVKELKKILDDWGETCKGCAEKSDYIRKINELMPKYAPKAASARTDL
;
_entity_poly.pdbx_strand_id   A
#
# COMPACT_ATOMS: atom_id res chain seq x y z
N MET A 1 -9.21 28.04 2.81
CA MET A 1 -8.23 27.05 3.31
C MET A 1 -7.30 26.58 2.17
N GLY A 2 -6.03 26.30 2.48
CA GLY A 2 -5.02 25.80 1.53
C GLY A 2 -3.81 25.17 2.23
N LYS A 3 -2.86 24.65 1.43
CA LYS A 3 -1.60 23.94 1.82
C LYS A 3 -1.79 22.62 2.61
N TYR A 4 -2.94 22.40 3.23
CA TYR A 4 -3.32 21.20 4.00
C TYR A 4 -4.83 20.94 3.84
N ASP A 5 -5.23 19.68 3.61
CA ASP A 5 -6.61 19.33 3.22
C ASP A 5 -7.10 17.94 3.70
N LYS A 6 -6.20 17.04 4.13
CA LYS A 6 -6.50 15.63 4.46
C LYS A 6 -5.73 15.12 5.68
N GLN A 7 -6.16 13.96 6.21
CA GLN A 7 -5.49 13.21 7.29
C GLN A 7 -5.11 11.77 6.88
N ILE A 8 -5.18 11.48 5.57
CA ILE A 8 -4.82 10.22 4.92
C ILE A 8 -4.45 10.48 3.44
N ASP A 9 -3.54 9.68 2.88
CA ASP A 9 -3.14 9.77 1.47
C ASP A 9 -2.89 8.42 0.79
N LEU A 10 -2.68 7.33 1.56
CA LEU A 10 -2.57 5.95 1.05
C LEU A 10 -3.78 5.52 0.21
N SER A 11 -4.95 6.14 0.43
CA SER A 11 -6.17 6.00 -0.38
C SER A 11 -6.04 6.46 -1.85
N THR A 12 -5.05 7.32 -2.14
CA THR A 12 -4.87 8.03 -3.43
C THR A 12 -3.41 8.08 -3.93
N VAL A 13 -2.44 7.59 -3.15
CA VAL A 13 -1.00 7.54 -3.45
C VAL A 13 -0.69 6.70 -4.71
N ASP A 14 0.52 6.89 -5.27
CA ASP A 14 1.08 6.05 -6.35
C ASP A 14 2.38 5.38 -5.87
N LEU A 15 2.31 4.08 -5.58
CA LEU A 15 3.45 3.30 -5.07
C LEU A 15 4.65 3.27 -6.04
N LYS A 16 4.44 3.55 -7.33
CA LYS A 16 5.50 3.73 -8.33
C LYS A 16 6.30 5.03 -8.16
N LYS A 17 5.65 6.09 -7.64
CA LYS A 17 6.22 7.43 -7.41
C LYS A 17 7.05 7.49 -6.11
N LEU A 18 6.68 6.69 -5.11
CA LEU A 18 7.42 6.44 -3.88
C LEU A 18 8.80 5.79 -4.13
N ARG A 19 9.63 5.72 -3.08
CA ARG A 19 10.94 5.03 -3.06
C ARG A 19 10.90 3.84 -2.11
N VAL A 20 11.92 2.97 -2.14
CA VAL A 20 11.98 1.73 -1.33
C VAL A 20 11.76 1.99 0.17
N LYS A 21 12.35 3.07 0.71
CA LYS A 21 12.16 3.48 2.12
C LYS A 21 10.72 3.85 2.46
N GLU A 22 9.99 4.46 1.52
CA GLU A 22 8.58 4.82 1.68
C GLU A 22 7.65 3.60 1.56
N LEU A 23 8.00 2.62 0.72
CA LEU A 23 7.28 1.33 0.64
C LEU A 23 7.50 0.48 1.90
N LYS A 24 8.75 0.40 2.39
CA LYS A 24 9.12 -0.22 3.68
C LYS A 24 8.32 0.35 4.87
N LYS A 25 8.00 1.64 4.88
CA LYS A 25 7.16 2.27 5.92
C LYS A 25 5.75 1.65 5.96
N ILE A 26 5.07 1.53 4.81
CA ILE A 26 3.70 1.00 4.70
C ILE A 26 3.63 -0.43 5.25
N LEU A 27 4.66 -1.21 4.92
CA LEU A 27 4.87 -2.60 5.34
C LEU A 27 5.18 -2.73 6.85
N ASP A 28 6.11 -1.92 7.37
CA ASP A 28 6.47 -1.88 8.79
C ASP A 28 5.32 -1.38 9.70
N ASP A 29 4.46 -0.47 9.21
CA ASP A 29 3.29 0.01 9.94
C ASP A 29 2.23 -1.09 10.17
N TRP A 30 2.07 -2.02 9.23
CA TRP A 30 1.27 -3.24 9.38
C TRP A 30 2.00 -4.36 10.15
N GLY A 31 3.32 -4.24 10.35
CA GLY A 31 4.16 -5.22 11.04
C GLY A 31 4.59 -6.40 10.16
N GLU A 32 4.58 -6.24 8.84
CA GLU A 32 4.77 -7.33 7.86
C GLU A 32 5.72 -6.90 6.73
N THR A 33 6.92 -7.49 6.69
CA THR A 33 8.01 -7.10 5.77
C THR A 33 8.65 -8.31 5.10
N CYS A 34 8.94 -8.20 3.81
CA CYS A 34 9.69 -9.21 3.04
C CYS A 34 11.16 -9.35 3.53
N LYS A 35 11.77 -10.53 3.30
CA LYS A 35 13.09 -10.91 3.84
C LYS A 35 14.11 -11.36 2.79
N GLY A 36 13.66 -11.68 1.57
CA GLY A 36 14.51 -11.99 0.40
C GLY A 36 14.33 -11.02 -0.79
N CYS A 37 13.50 -9.98 -0.61
CA CYS A 37 13.26 -8.93 -1.59
C CYS A 37 14.50 -8.05 -1.86
N ALA A 38 14.70 -7.67 -3.12
CA ALA A 38 15.89 -6.95 -3.59
C ALA A 38 15.61 -5.93 -4.73
N GLU A 39 14.34 -5.69 -5.08
CA GLU A 39 13.91 -4.79 -6.16
C GLU A 39 12.65 -4.01 -5.74
N LYS A 40 12.57 -2.73 -6.12
CA LYS A 40 11.51 -1.77 -5.74
C LYS A 40 10.09 -2.31 -6.00
N SER A 41 9.88 -2.90 -7.17
CA SER A 41 8.60 -3.48 -7.60
C SER A 41 8.12 -4.65 -6.71
N ASP A 42 9.03 -5.39 -6.07
CA ASP A 42 8.65 -6.50 -5.18
C ASP A 42 8.05 -5.99 -3.85
N TYR A 43 8.46 -4.81 -3.37
CA TYR A 43 7.81 -4.13 -2.25
C TYR A 43 6.40 -3.67 -2.61
N ILE A 44 6.17 -3.19 -3.85
CA ILE A 44 4.82 -2.87 -4.37
C ILE A 44 3.94 -4.13 -4.36
N ARG A 45 4.46 -5.29 -4.80
CA ARG A 45 3.73 -6.57 -4.71
C ARG A 45 3.40 -6.95 -3.26
N LYS A 46 4.37 -6.87 -2.34
CA LYS A 46 4.15 -7.13 -0.91
C LYS A 46 3.14 -6.17 -0.26
N ILE A 47 3.05 -4.92 -0.72
CA ILE A 47 1.97 -4.00 -0.30
C ILE A 47 0.62 -4.47 -0.86
N ASN A 48 0.49 -4.70 -2.18
CA ASN A 48 -0.81 -5.08 -2.76
C ASN A 48 -1.36 -6.42 -2.26
N GLU A 49 -0.46 -7.28 -1.81
CA GLU A 49 -0.75 -8.56 -1.14
C GLU A 49 -1.43 -8.38 0.24
N LEU A 50 -1.15 -7.26 0.95
CA LEU A 50 -1.51 -7.05 2.36
C LEU A 50 -2.40 -5.82 2.60
N MET A 51 -2.50 -4.90 1.63
CA MET A 51 -3.43 -3.78 1.63
C MET A 51 -4.90 -4.18 1.82
N PRO A 52 -5.44 -5.25 1.18
CA PRO A 52 -6.80 -5.72 1.47
C PRO A 52 -6.96 -6.38 2.86
N LYS A 53 -5.85 -6.79 3.50
CA LYS A 53 -5.83 -7.37 4.86
C LYS A 53 -5.93 -6.29 5.94
N TYR A 54 -5.27 -5.14 5.75
CA TYR A 54 -5.07 -4.11 6.79
C TYR A 54 -5.56 -2.70 6.44
N ALA A 55 -5.91 -2.42 5.18
CA ALA A 55 -6.31 -1.09 4.70
C ALA A 55 -7.41 -1.13 3.61
N PRO A 56 -8.64 -1.60 3.91
CA PRO A 56 -9.81 -1.49 3.02
C PRO A 56 -10.06 -0.06 2.48
N LYS A 57 -9.65 0.97 3.24
CA LYS A 57 -9.63 2.40 2.86
C LYS A 57 -8.71 2.75 1.68
N ALA A 58 -7.97 1.79 1.16
CA ALA A 58 -7.00 1.97 0.09
C ALA A 58 -6.92 0.79 -0.91
N ALA A 59 -7.32 -0.42 -0.50
CA ALA A 59 -7.40 -1.59 -1.36
C ALA A 59 -8.42 -1.45 -2.51
N SER A 60 -9.56 -0.78 -2.27
CA SER A 60 -10.59 -0.51 -3.28
C SER A 60 -10.12 0.48 -4.36
N ALA A 61 -10.53 0.25 -5.60
CA ALA A 61 -10.27 1.15 -6.74
C ALA A 61 -10.99 2.50 -6.62
N ARG A 62 -10.51 3.52 -7.35
CA ARG A 62 -11.15 4.84 -7.50
C ARG A 62 -12.46 4.78 -8.27
N THR A 63 -13.24 5.86 -8.21
CA THR A 63 -14.41 6.11 -9.05
C THR A 63 -14.57 7.60 -9.31
N ASP A 64 -14.85 7.96 -10.56
CA ASP A 64 -15.26 9.32 -10.99
C ASP A 64 -16.60 9.78 -10.39
N LEU A 65 -17.44 8.85 -9.89
CA LEU A 65 -18.76 9.06 -9.28
C LEU A 65 -19.00 8.09 -8.11
N MET A 1 -21.51 7.76 -11.17
CA MET A 1 -20.60 8.80 -11.72
C MET A 1 -20.51 10.02 -10.78
N GLY A 2 -19.40 10.76 -10.84
CA GLY A 2 -19.14 11.94 -10.00
C GLY A 2 -17.78 12.60 -10.26
N LYS A 3 -17.47 13.64 -9.47
CA LYS A 3 -16.23 14.45 -9.55
C LYS A 3 -15.63 14.73 -8.14
N TYR A 4 -15.92 13.85 -7.18
CA TYR A 4 -15.54 13.95 -5.77
C TYR A 4 -14.02 13.78 -5.52
N ASP A 5 -13.58 14.16 -4.32
CA ASP A 5 -12.17 14.13 -3.87
C ASP A 5 -12.01 13.60 -2.43
N LYS A 6 -13.06 12.95 -1.89
CA LYS A 6 -13.16 12.49 -0.48
C LYS A 6 -12.48 11.14 -0.20
N GLN A 7 -11.97 10.45 -1.22
CA GLN A 7 -11.34 9.12 -1.12
C GLN A 7 -10.17 9.08 -0.10
N ILE A 8 -10.10 8.01 0.69
CA ILE A 8 -9.08 7.81 1.74
C ILE A 8 -7.64 7.76 1.20
N ASP A 9 -6.68 8.25 2.00
CA ASP A 9 -5.24 8.16 1.73
C ASP A 9 -4.74 6.71 1.57
N LEU A 10 -3.56 6.53 0.98
CA LEU A 10 -2.88 5.25 0.68
C LEU A 10 -3.61 4.32 -0.32
N SER A 11 -4.93 4.42 -0.48
CA SER A 11 -5.75 3.62 -1.42
C SER A 11 -5.35 3.75 -2.91
N THR A 12 -4.69 4.86 -3.29
CA THR A 12 -4.35 5.20 -4.68
C THR A 12 -2.99 5.93 -4.80
N VAL A 13 -2.13 5.84 -3.78
CA VAL A 13 -0.78 6.44 -3.77
C VAL A 13 0.12 5.84 -4.89
N ASP A 14 1.01 6.66 -5.45
CA ASP A 14 1.89 6.27 -6.56
C ASP A 14 3.11 5.44 -6.11
N LEU A 15 2.87 4.20 -5.67
CA LEU A 15 3.92 3.24 -5.26
C LEU A 15 5.04 3.06 -6.30
N LYS A 16 4.76 3.30 -7.58
CA LYS A 16 5.74 3.31 -8.69
C LYS A 16 6.73 4.48 -8.61
N LYS A 17 6.24 5.67 -8.20
CA LYS A 17 7.01 6.94 -8.11
C LYS A 17 7.74 7.09 -6.78
N LEU A 18 7.14 6.64 -5.68
CA LEU A 18 7.72 6.58 -4.34
C LEU A 18 9.04 5.78 -4.32
N ARG A 19 9.99 6.18 -3.47
CA ARG A 19 11.24 5.45 -3.21
C ARG A 19 11.03 4.31 -2.21
N VAL A 20 11.98 3.38 -2.10
CA VAL A 20 11.89 2.18 -1.24
C VAL A 20 11.54 2.51 0.23
N LYS A 21 12.07 3.61 0.79
CA LYS A 21 11.74 4.08 2.15
C LYS A 21 10.25 4.31 2.35
N GLU A 22 9.59 4.93 1.38
CA GLU A 22 8.15 5.21 1.41
C GLU A 22 7.27 3.94 1.28
N LEU A 23 7.84 2.81 0.85
CA LEU A 23 7.17 1.51 0.82
C LEU A 23 7.47 0.70 2.09
N LYS A 24 8.72 0.66 2.57
CA LYS A 24 9.10 -0.04 3.81
C LYS A 24 8.32 0.44 5.03
N LYS A 25 7.99 1.73 5.13
CA LYS A 25 7.15 2.28 6.21
C LYS A 25 5.70 1.77 6.22
N ILE A 26 5.13 1.48 5.05
CA ILE A 26 3.80 0.88 4.92
C ILE A 26 3.82 -0.57 5.46
N LEU A 27 4.97 -1.25 5.30
CA LEU A 27 5.15 -2.60 5.83
C LEU A 27 5.35 -2.57 7.36
N ASP A 28 6.19 -1.66 7.84
CA ASP A 28 6.47 -1.46 9.27
C ASP A 28 5.21 -1.07 10.08
N ASP A 29 4.34 -0.22 9.53
CA ASP A 29 3.07 0.18 10.14
C ASP A 29 2.09 -1.00 10.34
N TRP A 30 2.12 -1.99 9.45
CA TRP A 30 1.36 -3.24 9.55
C TRP A 30 2.08 -4.34 10.38
N GLY A 31 3.32 -4.10 10.82
CA GLY A 31 4.15 -5.06 11.55
C GLY A 31 4.73 -6.17 10.66
N GLU A 32 5.07 -5.85 9.41
CA GLU A 32 5.43 -6.79 8.33
C GLU A 32 6.79 -6.43 7.69
N THR A 33 7.35 -7.38 6.93
CA THR A 33 8.62 -7.24 6.20
C THR A 33 8.73 -8.24 5.02
N CYS A 34 9.76 -8.11 4.20
CA CYS A 34 10.06 -9.00 3.07
C CYS A 34 10.44 -10.44 3.48
N LYS A 35 10.42 -11.35 2.49
CA LYS A 35 10.98 -12.72 2.60
C LYS A 35 12.31 -12.90 1.82
N GLY A 36 12.60 -12.02 0.86
CA GLY A 36 13.84 -12.03 0.06
C GLY A 36 13.94 -10.91 -0.99
N CYS A 37 13.42 -9.71 -0.67
CA CYS A 37 13.31 -8.59 -1.62
C CYS A 37 14.68 -7.96 -1.98
N ALA A 38 14.78 -7.42 -3.21
CA ALA A 38 15.97 -6.74 -3.72
C ALA A 38 15.68 -5.60 -4.73
N GLU A 39 14.42 -5.39 -5.13
CA GLU A 39 13.98 -4.39 -6.13
C GLU A 39 12.59 -3.84 -5.79
N LYS A 40 12.29 -2.63 -6.25
CA LYS A 40 11.00 -1.91 -6.05
C LYS A 40 9.77 -2.76 -6.38
N SER A 41 9.83 -3.57 -7.43
CA SER A 41 8.73 -4.44 -7.87
C SER A 41 8.26 -5.40 -6.77
N ASP A 42 9.17 -5.93 -5.96
CA ASP A 42 8.83 -6.87 -4.87
C ASP A 42 8.25 -6.15 -3.64
N TYR A 43 8.68 -4.92 -3.35
CA TYR A 43 8.03 -4.08 -2.32
C TYR A 43 6.59 -3.70 -2.72
N ILE A 44 6.37 -3.33 -3.99
CA ILE A 44 5.04 -3.07 -4.55
C ILE A 44 4.16 -4.33 -4.43
N ARG A 45 4.70 -5.51 -4.80
CA ARG A 45 4.02 -6.81 -4.65
C ARG A 45 3.64 -7.11 -3.20
N LYS A 46 4.56 -6.95 -2.25
CA LYS A 46 4.30 -7.17 -0.81
C LYS A 46 3.27 -6.20 -0.22
N ILE A 47 3.18 -4.97 -0.71
CA ILE A 47 2.07 -4.06 -0.35
C ILE A 47 0.74 -4.54 -0.97
N ASN A 48 0.72 -4.84 -2.27
CA ASN A 48 -0.50 -5.32 -2.95
C ASN A 48 -1.03 -6.65 -2.38
N GLU A 49 -0.15 -7.47 -1.80
CA GLU A 49 -0.49 -8.72 -1.09
C GLU A 49 -1.23 -8.48 0.24
N LEU A 50 -1.03 -7.31 0.88
CA LEU A 50 -1.44 -7.05 2.27
C LEU A 50 -2.36 -5.84 2.46
N MET A 51 -2.44 -4.90 1.51
CA MET A 51 -3.33 -3.75 1.57
C MET A 51 -4.81 -4.13 1.70
N PRO A 52 -5.38 -5.10 0.94
CA PRO A 52 -6.77 -5.52 1.11
C PRO A 52 -7.03 -6.33 2.40
N LYS A 53 -5.97 -6.79 3.08
CA LYS A 53 -6.03 -7.44 4.40
C LYS A 53 -6.03 -6.44 5.55
N TYR A 54 -5.22 -5.37 5.46
CA TYR A 54 -4.95 -4.47 6.58
C TYR A 54 -5.52 -3.05 6.45
N ALA A 55 -6.00 -2.65 5.26
CA ALA A 55 -6.71 -1.40 4.99
C ALA A 55 -8.24 -1.70 4.88
N PRO A 56 -9.08 -0.87 4.24
CA PRO A 56 -10.50 -1.16 3.99
C PRO A 56 -10.79 -2.50 3.31
N LYS A 57 -12.08 -2.87 3.30
CA LYS A 57 -12.62 -4.14 2.75
C LYS A 57 -12.34 -4.40 1.27
N ALA A 58 -11.91 -3.37 0.54
CA ALA A 58 -11.49 -3.46 -0.86
C ALA A 58 -10.32 -2.51 -1.17
N ALA A 59 -9.45 -2.28 -0.16
CA ALA A 59 -8.29 -1.37 -0.18
C ALA A 59 -8.59 0.12 -0.49
N SER A 60 -9.87 0.53 -0.51
CA SER A 60 -10.33 1.91 -0.74
C SER A 60 -11.66 2.19 -0.01
N ALA A 61 -12.04 3.46 0.13
CA ALA A 61 -13.22 3.91 0.88
C ALA A 61 -14.55 3.35 0.32
N ARG A 62 -15.47 2.98 1.22
CA ARG A 62 -16.78 2.35 0.94
C ARG A 62 -17.87 2.85 1.91
N THR A 63 -19.10 2.35 1.73
CA THR A 63 -20.31 2.70 2.51
C THR A 63 -20.30 2.25 3.98
N ASP A 64 -19.50 1.25 4.37
CA ASP A 64 -19.40 0.76 5.76
C ASP A 64 -17.95 0.63 6.29
N LEU A 65 -16.97 0.32 5.42
CA LEU A 65 -15.52 0.35 5.67
C LEU A 65 -14.74 0.40 4.34
N MET A 1 -28.90 6.18 6.08
CA MET A 1 -27.68 6.99 5.85
C MET A 1 -26.49 6.09 5.51
N GLY A 2 -25.80 6.37 4.41
CA GLY A 2 -24.62 5.62 3.94
C GLY A 2 -24.04 6.12 2.62
N LYS A 3 -23.00 5.43 2.12
CA LYS A 3 -22.26 5.70 0.86
C LYS A 3 -21.91 7.19 0.64
N TYR A 4 -21.35 7.81 1.69
CA TYR A 4 -20.93 9.22 1.71
C TYR A 4 -19.66 9.46 2.52
N ASP A 5 -19.55 8.88 3.72
CA ASP A 5 -18.32 8.87 4.52
C ASP A 5 -17.20 8.05 3.84
N LYS A 6 -15.95 8.52 3.93
CA LYS A 6 -14.76 7.89 3.33
C LYS A 6 -13.46 8.23 4.10
N GLN A 7 -12.41 7.46 3.85
CA GLN A 7 -11.05 7.64 4.39
C GLN A 7 -9.99 7.28 3.32
N ILE A 8 -8.80 7.90 3.41
CA ILE A 8 -7.70 7.71 2.46
C ILE A 8 -6.32 7.96 3.11
N ASP A 9 -5.33 7.17 2.70
CA ASP A 9 -3.90 7.35 3.01
C ASP A 9 -3.00 6.72 1.92
N LEU A 10 -3.34 5.50 1.48
CA LEU A 10 -2.63 4.73 0.44
C LEU A 10 -3.59 4.02 -0.55
N SER A 11 -4.88 4.38 -0.53
CA SER A 11 -5.95 3.74 -1.32
C SER A 11 -5.74 3.83 -2.85
N THR A 12 -5.11 4.92 -3.31
CA THR A 12 -4.89 5.24 -4.74
C THR A 12 -3.50 5.85 -5.02
N VAL A 13 -2.59 5.86 -4.03
CA VAL A 13 -1.24 6.45 -4.12
C VAL A 13 -0.39 5.77 -5.21
N ASP A 14 0.46 6.56 -5.88
CA ASP A 14 1.37 6.12 -6.94
C ASP A 14 2.61 5.39 -6.36
N LEU A 15 2.43 4.14 -5.90
CA LEU A 15 3.49 3.30 -5.32
C LEU A 15 4.76 3.19 -6.20
N LYS A 16 4.60 3.29 -7.53
CA LYS A 16 5.71 3.34 -8.50
C LYS A 16 6.65 4.55 -8.35
N LYS A 17 6.17 5.67 -7.78
CA LYS A 17 6.94 6.92 -7.57
C LYS A 17 7.67 6.94 -6.22
N LEU A 18 7.19 6.19 -5.23
CA LEU A 18 7.84 6.00 -3.93
C LEU A 18 9.19 5.26 -4.06
N ARG A 19 10.07 5.45 -3.07
CA ARG A 19 11.34 4.71 -2.91
C ARG A 19 11.14 3.47 -2.03
N VAL A 20 12.13 2.58 -2.01
CA VAL A 20 12.17 1.43 -1.06
C VAL A 20 12.01 1.90 0.39
N LYS A 21 12.64 3.03 0.77
CA LYS A 21 12.52 3.68 2.08
C LYS A 21 11.09 4.02 2.48
N GLU A 22 10.26 4.43 1.50
CA GLU A 22 8.85 4.77 1.70
C GLU A 22 7.95 3.52 1.70
N LEU A 23 8.21 2.56 0.79
CA LEU A 23 7.43 1.32 0.70
C LEU A 23 7.65 0.39 1.90
N LYS A 24 8.87 0.30 2.44
CA LYS A 24 9.15 -0.39 3.72
C LYS A 24 8.29 0.13 4.87
N LYS A 25 8.04 1.44 4.95
CA LYS A 25 7.23 2.03 6.03
C LYS A 25 5.75 1.61 5.96
N ILE A 26 5.21 1.41 4.78
CA ILE A 26 3.86 0.85 4.58
C ILE A 26 3.75 -0.57 5.19
N LEU A 27 4.87 -1.32 5.25
CA LEU A 27 4.90 -2.66 5.85
C LEU A 27 5.07 -2.57 7.36
N ASP A 28 6.02 -1.74 7.84
CA ASP A 28 6.23 -1.48 9.27
C ASP A 28 4.97 -0.96 9.98
N ASP A 29 4.16 -0.11 9.32
CA ASP A 29 2.88 0.38 9.85
C ASP A 29 1.83 -0.73 10.07
N TRP A 30 1.90 -1.83 9.30
CA TRP A 30 1.07 -3.03 9.47
C TRP A 30 1.68 -4.09 10.40
N GLY A 31 2.92 -3.90 10.87
CA GLY A 31 3.69 -4.90 11.62
C GLY A 31 4.24 -6.01 10.72
N GLU A 32 4.60 -5.68 9.48
CA GLU A 32 5.06 -6.60 8.43
C GLU A 32 6.47 -6.25 7.92
N THR A 33 7.06 -7.17 7.14
CA THR A 33 8.41 -7.06 6.56
C THR A 33 8.54 -7.89 5.27
N CYS A 34 9.74 -7.94 4.68
CA CYS A 34 10.07 -8.77 3.53
C CYS A 34 11.48 -9.37 3.65
N LYS A 35 11.67 -10.59 3.12
CA LYS A 35 12.92 -11.38 3.23
C LYS A 35 13.58 -11.72 1.88
N GLY A 36 13.00 -11.24 0.78
CA GLY A 36 13.48 -11.46 -0.60
C GLY A 36 13.11 -10.35 -1.60
N CYS A 37 12.78 -9.14 -1.11
CA CYS A 37 12.42 -7.98 -1.93
C CYS A 37 13.68 -7.33 -2.55
N ALA A 38 14.27 -8.00 -3.54
CA ALA A 38 15.51 -7.59 -4.21
C ALA A 38 15.39 -6.31 -5.07
N GLU A 39 14.16 -5.87 -5.38
CA GLU A 39 13.85 -4.68 -6.20
C GLU A 39 12.64 -3.93 -5.65
N LYS A 40 12.55 -2.62 -5.95
CA LYS A 40 11.47 -1.71 -5.50
C LYS A 40 10.07 -2.25 -5.84
N SER A 41 9.92 -2.81 -7.04
CA SER A 41 8.67 -3.41 -7.54
C SER A 41 8.18 -4.64 -6.74
N ASP A 42 9.03 -5.32 -5.98
CA ASP A 42 8.61 -6.44 -5.12
C ASP A 42 8.07 -5.95 -3.76
N TYR A 43 8.49 -4.78 -3.27
CA TYR A 43 7.81 -4.13 -2.13
C TYR A 43 6.40 -3.70 -2.52
N ILE A 44 6.21 -3.18 -3.76
CA ILE A 44 4.88 -2.92 -4.34
C ILE A 44 4.06 -4.23 -4.40
N ARG A 45 4.67 -5.36 -4.71
CA ARG A 45 4.02 -6.69 -4.71
C ARG A 45 3.57 -7.13 -3.32
N LYS A 46 4.41 -6.98 -2.27
CA LYS A 46 4.02 -7.22 -0.87
C LYS A 46 2.89 -6.30 -0.42
N ILE A 47 2.89 -5.04 -0.85
CA ILE A 47 1.78 -4.11 -0.58
C ILE A 47 0.49 -4.58 -1.27
N ASN A 48 0.53 -4.94 -2.56
CA ASN A 48 -0.64 -5.48 -3.26
C ASN A 48 -1.16 -6.79 -2.65
N GLU A 49 -0.30 -7.57 -2.01
CA GLU A 49 -0.69 -8.80 -1.28
C GLU A 49 -1.37 -8.53 0.07
N LEU A 50 -0.99 -7.47 0.79
CA LEU A 50 -1.37 -7.24 2.20
C LEU A 50 -2.23 -5.97 2.44
N MET A 51 -2.39 -5.09 1.46
CA MET A 51 -3.35 -3.98 1.52
C MET A 51 -4.81 -4.45 1.70
N PRO A 52 -5.32 -5.52 1.05
CA PRO A 52 -6.67 -6.04 1.36
C PRO A 52 -6.80 -6.68 2.75
N LYS A 53 -5.68 -7.14 3.35
CA LYS A 53 -5.60 -7.69 4.72
C LYS A 53 -5.62 -6.58 5.80
N TYR A 54 -5.10 -5.38 5.53
CA TYR A 54 -4.90 -4.33 6.55
C TYR A 54 -5.49 -2.94 6.22
N ALA A 55 -6.03 -2.74 5.02
CA ALA A 55 -6.74 -1.54 4.57
C ALA A 55 -8.00 -1.88 3.72
N PRO A 56 -8.91 -2.76 4.19
CA PRO A 56 -10.13 -3.15 3.48
C PRO A 56 -11.14 -2.01 3.25
N LYS A 57 -10.93 -0.83 3.87
CA LYS A 57 -11.65 0.44 3.61
C LYS A 57 -11.75 0.81 2.13
N ALA A 58 -10.78 0.39 1.32
CA ALA A 58 -10.74 0.65 -0.12
C ALA A 58 -10.06 -0.46 -0.95
N ALA A 59 -9.21 -1.30 -0.37
CA ALA A 59 -8.54 -2.42 -1.05
C ALA A 59 -9.42 -3.67 -1.21
N SER A 60 -10.61 -3.72 -0.60
CA SER A 60 -11.61 -4.81 -0.73
C SER A 60 -12.36 -4.77 -2.07
N ALA A 61 -11.61 -4.71 -3.18
CA ALA A 61 -12.10 -4.47 -4.55
C ALA A 61 -12.92 -5.62 -5.19
N ARG A 62 -13.08 -6.77 -4.50
CA ARG A 62 -13.78 -7.97 -4.98
C ARG A 62 -14.54 -8.68 -3.84
N THR A 63 -15.61 -9.39 -4.18
CA THR A 63 -16.50 -10.11 -3.24
C THR A 63 -15.82 -11.21 -2.43
N ASP A 64 -14.73 -11.78 -2.95
CA ASP A 64 -13.91 -12.82 -2.30
C ASP A 64 -12.42 -12.55 -2.53
N LEU A 65 -11.76 -11.93 -1.53
CA LEU A 65 -10.37 -11.44 -1.58
C LEU A 65 -9.72 -11.48 -0.18
N MET A 1 -9.81 26.85 2.88
CA MET A 1 -8.80 25.83 2.54
C MET A 1 -9.07 24.52 3.28
N GLY A 2 -9.15 23.40 2.56
CA GLY A 2 -9.41 22.07 3.12
C GLY A 2 -9.16 20.90 2.16
N LYS A 3 -8.21 21.06 1.22
CA LYS A 3 -7.87 20.06 0.20
C LYS A 3 -7.30 18.76 0.80
N TYR A 4 -7.53 17.64 0.12
CA TYR A 4 -7.08 16.30 0.56
C TYR A 4 -6.13 15.61 -0.43
N ASP A 5 -6.11 16.03 -1.71
CA ASP A 5 -5.21 15.49 -2.74
C ASP A 5 -3.71 15.64 -2.38
N LYS A 6 -3.35 16.67 -1.61
CA LYS A 6 -2.00 16.93 -1.09
C LYS A 6 -1.53 15.94 0.01
N GLN A 7 -2.46 15.15 0.55
CA GLN A 7 -2.29 14.30 1.75
C GLN A 7 -3.05 12.96 1.67
N ILE A 8 -3.42 12.55 0.45
CA ILE A 8 -4.32 11.41 0.18
C ILE A 8 -3.74 10.05 0.60
N ASP A 9 -4.62 9.10 0.90
CA ASP A 9 -4.30 7.70 1.25
C ASP A 9 -3.64 6.92 0.10
N LEU A 10 -3.06 5.75 0.44
CA LEU A 10 -2.43 4.81 -0.51
C LEU A 10 -3.40 4.16 -1.54
N SER A 11 -4.70 4.49 -1.49
CA SER A 11 -5.71 4.06 -2.48
C SER A 11 -5.39 4.49 -3.92
N THR A 12 -4.73 5.64 -4.09
CA THR A 12 -4.45 6.27 -5.41
C THR A 12 -3.00 6.76 -5.58
N VAL A 13 -2.12 6.53 -4.59
CA VAL A 13 -0.70 6.90 -4.66
C VAL A 13 0.04 6.17 -5.79
N ASP A 14 1.02 6.83 -6.42
CA ASP A 14 1.84 6.27 -7.49
C ASP A 14 2.99 5.39 -6.94
N LEU A 15 2.66 4.18 -6.47
CA LEU A 15 3.62 3.21 -5.91
C LEU A 15 4.86 2.96 -6.82
N LYS A 16 4.67 3.04 -8.14
CA LYS A 16 5.73 2.97 -9.17
C LYS A 16 6.75 4.11 -9.11
N LYS A 17 6.33 5.31 -8.69
CA LYS A 17 7.16 6.53 -8.61
C LYS A 17 7.80 6.73 -7.22
N LEU A 18 7.20 6.16 -6.17
CA LEU A 18 7.79 6.03 -4.83
C LEU A 18 9.09 5.21 -4.85
N ARG A 19 9.83 5.25 -3.74
CA ARG A 19 11.12 4.55 -3.53
C ARG A 19 11.03 3.58 -2.36
N VAL A 20 12.04 2.72 -2.18
CA VAL A 20 12.06 1.69 -1.11
C VAL A 20 11.78 2.28 0.28
N LYS A 21 12.35 3.45 0.62
CA LYS A 21 12.09 4.15 1.90
C LYS A 21 10.62 4.58 2.07
N GLU A 22 9.95 4.96 0.97
CA GLU A 22 8.54 5.37 0.94
C GLU A 22 7.57 4.17 0.98
N LEU A 23 8.04 2.96 0.63
CA LEU A 23 7.24 1.73 0.63
C LEU A 23 7.46 0.88 1.89
N LYS A 24 8.67 0.84 2.47
CA LYS A 24 8.98 0.14 3.73
C LYS A 24 8.09 0.61 4.90
N LYS A 25 7.81 1.91 5.00
CA LYS A 25 6.94 2.47 6.05
C LYS A 25 5.48 1.96 6.02
N ILE A 26 4.96 1.66 4.82
CA ILE A 26 3.64 1.06 4.64
C ILE A 26 3.62 -0.36 5.25
N LEU A 27 4.76 -1.05 5.18
CA LEU A 27 4.91 -2.41 5.74
C LEU A 27 5.16 -2.37 7.25
N ASP A 28 5.99 -1.44 7.72
CA ASP A 28 6.27 -1.23 9.15
C ASP A 28 5.01 -0.88 9.96
N ASP A 29 4.07 -0.12 9.37
CA ASP A 29 2.76 0.18 9.97
C ASP A 29 1.88 -1.07 10.16
N TRP A 30 2.04 -2.09 9.31
CA TRP A 30 1.36 -3.40 9.42
C TRP A 30 2.18 -4.43 10.23
N GLY A 31 3.42 -4.08 10.63
CA GLY A 31 4.36 -4.98 11.30
C GLY A 31 4.97 -6.06 10.39
N GLU A 32 5.04 -5.82 9.07
CA GLU A 32 5.42 -6.81 8.05
C GLU A 32 6.88 -6.66 7.56
N THR A 33 7.42 -7.77 7.07
CA THR A 33 8.81 -7.95 6.58
C THR A 33 8.84 -8.91 5.37
N CYS A 34 10.02 -9.20 4.82
CA CYS A 34 10.19 -10.08 3.65
C CYS A 34 11.40 -11.04 3.78
N LYS A 35 11.54 -11.97 2.82
CA LYS A 35 12.63 -12.96 2.75
C LYS A 35 13.50 -12.85 1.49
N GLY A 36 13.14 -11.96 0.55
CA GLY A 36 13.86 -11.76 -0.72
C GLY A 36 13.40 -10.56 -1.56
N CYS A 37 12.89 -9.50 -0.93
CA CYS A 37 12.42 -8.27 -1.62
C CYS A 37 13.58 -7.34 -2.02
N ALA A 38 14.46 -7.84 -2.88
CA ALA A 38 15.72 -7.20 -3.28
C ALA A 38 15.57 -5.94 -4.18
N GLU A 39 14.37 -5.62 -4.66
CA GLU A 39 14.10 -4.50 -5.58
C GLU A 39 12.80 -3.78 -5.22
N LYS A 40 12.68 -2.50 -5.60
CA LYS A 40 11.55 -1.61 -5.30
C LYS A 40 10.19 -2.24 -5.65
N SER A 41 10.12 -2.92 -6.79
CA SER A 41 8.92 -3.61 -7.28
C SER A 41 8.42 -4.74 -6.38
N ASP A 42 9.28 -5.40 -5.59
CA ASP A 42 8.85 -6.42 -4.63
C ASP A 42 8.13 -5.83 -3.41
N TYR A 43 8.48 -4.61 -3.00
CA TYR A 43 7.70 -3.87 -1.99
C TYR A 43 6.30 -3.50 -2.52
N ILE A 44 6.17 -3.11 -3.79
CA ILE A 44 4.87 -2.90 -4.45
C ILE A 44 4.04 -4.20 -4.47
N ARG A 45 4.65 -5.36 -4.77
CA ARG A 45 3.98 -6.68 -4.72
C ARG A 45 3.49 -7.02 -3.32
N LYS A 46 4.35 -6.89 -2.30
CA LYS A 46 4.01 -7.09 -0.87
C LYS A 46 2.85 -6.19 -0.41
N ILE A 47 2.81 -4.94 -0.86
CA ILE A 47 1.67 -4.02 -0.62
C ILE A 47 0.40 -4.52 -1.32
N ASN A 48 0.44 -4.79 -2.62
CA ASN A 48 -0.74 -5.26 -3.37
C ASN A 48 -1.30 -6.61 -2.86
N GLU A 49 -0.45 -7.44 -2.25
CA GLU A 49 -0.85 -8.69 -1.58
C GLU A 49 -1.57 -8.49 -0.24
N LEU A 50 -1.25 -7.43 0.51
CA LEU A 50 -1.65 -7.26 1.92
C LEU A 50 -2.44 -5.97 2.24
N MET A 51 -2.61 -5.06 1.29
CA MET A 51 -3.50 -3.91 1.40
C MET A 51 -4.95 -4.31 1.78
N PRO A 52 -5.57 -5.38 1.22
CA PRO A 52 -6.88 -5.84 1.70
C PRO A 52 -6.86 -6.49 3.10
N LYS A 53 -5.68 -6.91 3.58
CA LYS A 53 -5.48 -7.50 4.93
C LYS A 53 -5.49 -6.43 6.04
N TYR A 54 -4.93 -5.24 5.76
CA TYR A 54 -4.68 -4.20 6.80
C TYR A 54 -5.24 -2.79 6.47
N ALA A 55 -5.62 -2.54 5.22
CA ALA A 55 -6.14 -1.27 4.71
C ALA A 55 -7.28 -1.47 3.69
N PRO A 56 -8.34 -2.25 4.01
CA PRO A 56 -9.41 -2.60 3.07
C PRO A 56 -10.18 -1.39 2.50
N LYS A 57 -10.13 -0.23 3.17
CA LYS A 57 -10.62 1.08 2.69
C LYS A 57 -10.07 1.51 1.31
N ALA A 58 -8.98 0.88 0.89
CA ALA A 58 -8.20 1.24 -0.27
C ALA A 58 -8.01 0.06 -1.27
N ALA A 59 -8.64 -1.09 -0.99
CA ALA A 59 -8.58 -2.30 -1.82
C ALA A 59 -9.95 -2.96 -2.10
N SER A 60 -11.03 -2.54 -1.41
CA SER A 60 -12.39 -3.10 -1.58
C SER A 60 -13.11 -2.66 -2.87
N ALA A 61 -12.56 -1.68 -3.60
CA ALA A 61 -13.18 -1.04 -4.76
C ALA A 61 -12.38 -1.19 -6.08
N ARG A 62 -11.40 -2.10 -6.11
CA ARG A 62 -10.56 -2.41 -7.30
C ARG A 62 -11.32 -2.95 -8.52
N THR A 63 -12.58 -3.32 -8.34
CA THR A 63 -13.55 -3.68 -9.38
C THR A 63 -14.14 -2.46 -10.13
N ASP A 64 -13.67 -1.24 -9.82
CA ASP A 64 -14.14 0.04 -10.37
C ASP A 64 -15.65 0.31 -10.13
N LEU A 65 -16.06 0.20 -8.85
CA LEU A 65 -17.42 0.48 -8.34
C LEU A 65 -17.97 1.85 -8.77
N MET A 1 -12.91 19.63 -4.37
CA MET A 1 -13.55 18.87 -3.26
C MET A 1 -12.85 17.55 -3.00
N GLY A 2 -12.84 17.10 -1.75
CA GLY A 2 -12.25 15.83 -1.29
C GLY A 2 -12.98 15.20 -0.09
N LYS A 3 -14.29 15.45 0.02
CA LYS A 3 -15.17 15.07 1.14
C LYS A 3 -15.64 13.60 1.07
N TYR A 4 -14.74 12.71 0.68
CA TYR A 4 -15.00 11.28 0.45
C TYR A 4 -15.45 10.51 1.72
N ASP A 5 -15.95 9.28 1.53
CA ASP A 5 -16.48 8.42 2.61
C ASP A 5 -15.40 7.91 3.60
N LYS A 6 -14.12 7.86 3.18
CA LYS A 6 -13.00 7.26 3.95
C LYS A 6 -11.74 8.14 4.01
N GLN A 7 -11.42 8.85 2.92
CA GLN A 7 -10.31 9.83 2.81
C GLN A 7 -8.92 9.29 3.15
N ILE A 8 -8.72 7.97 3.05
CA ILE A 8 -7.44 7.28 3.26
C ILE A 8 -6.43 7.63 2.16
N ASP A 9 -5.18 7.92 2.53
CA ASP A 9 -4.12 8.32 1.59
C ASP A 9 -3.86 7.27 0.49
N LEU A 10 -3.92 5.98 0.86
CA LEU A 10 -3.76 4.85 -0.06
C LEU A 10 -4.83 4.76 -1.17
N SER A 11 -5.93 5.54 -1.08
CA SER A 11 -6.91 5.68 -2.18
C SER A 11 -6.40 6.51 -3.37
N THR A 12 -5.32 7.29 -3.18
CA THR A 12 -4.75 8.21 -4.21
C THR A 12 -3.21 8.16 -4.30
N VAL A 13 -2.54 7.31 -3.50
CA VAL A 13 -1.08 7.08 -3.53
C VAL A 13 -0.59 6.58 -4.91
N ASP A 14 0.68 6.83 -5.23
CA ASP A 14 1.37 6.35 -6.43
C ASP A 14 2.62 5.56 -6.02
N LEU A 15 2.46 4.26 -5.79
CA LEU A 15 3.50 3.38 -5.24
C LEU A 15 4.79 3.34 -6.08
N LYS A 16 4.69 3.57 -7.40
CA LYS A 16 5.84 3.74 -8.31
C LYS A 16 6.65 5.03 -8.08
N LYS A 17 6.00 6.11 -7.61
CA LYS A 17 6.62 7.41 -7.31
C LYS A 17 7.20 7.48 -5.89
N LEU A 18 6.57 6.80 -4.93
CA LEU A 18 7.13 6.58 -3.58
C LEU A 18 8.52 5.91 -3.67
N ARG A 19 9.43 6.30 -2.78
CA ARG A 19 10.77 5.68 -2.66
C ARG A 19 10.65 4.30 -1.99
N VAL A 20 11.68 3.45 -2.11
CA VAL A 20 11.74 2.15 -1.41
C VAL A 20 11.52 2.29 0.10
N LYS A 21 12.09 3.34 0.72
CA LYS A 21 11.90 3.67 2.14
C LYS A 21 10.45 3.99 2.52
N GLU A 22 9.72 4.66 1.64
CA GLU A 22 8.28 4.95 1.83
C GLU A 22 7.45 3.66 1.74
N LEU A 23 7.74 2.80 0.76
CA LEU A 23 7.07 1.49 0.62
C LEU A 23 7.35 0.56 1.81
N LYS A 24 8.60 0.48 2.26
CA LYS A 24 9.00 -0.23 3.49
C LYS A 24 8.23 0.25 4.74
N LYS A 25 7.88 1.54 4.83
CA LYS A 25 7.08 2.04 5.98
C LYS A 25 5.61 1.60 5.92
N ILE A 26 4.99 1.58 4.74
CA ILE A 26 3.65 1.00 4.53
C ILE A 26 3.60 -0.49 4.98
N LEU A 27 4.74 -1.18 4.94
CA LEU A 27 4.87 -2.60 5.26
C LEU A 27 5.19 -2.82 6.76
N ASP A 28 6.08 -2.00 7.33
CA ASP A 28 6.36 -1.92 8.77
C ASP A 28 5.10 -1.59 9.61
N ASP A 29 4.21 -0.75 9.08
CA ASP A 29 2.91 -0.43 9.69
C ASP A 29 1.98 -1.66 9.90
N TRP A 30 2.23 -2.74 9.15
CA TRP A 30 1.51 -4.03 9.23
C TRP A 30 2.35 -5.16 9.86
N GLY A 31 3.59 -4.87 10.27
CA GLY A 31 4.52 -5.82 10.90
C GLY A 31 5.26 -6.75 9.94
N GLU A 32 5.26 -6.45 8.63
CA GLU A 32 5.98 -7.23 7.61
C GLU A 32 7.51 -7.05 7.67
N THR A 33 8.24 -7.90 6.94
CA THR A 33 9.71 -8.03 6.99
C THR A 33 10.33 -8.12 5.58
N CYS A 34 11.67 -8.14 5.51
CA CYS A 34 12.46 -8.05 4.27
C CYS A 34 13.38 -9.30 4.09
N LYS A 35 12.98 -10.45 4.66
CA LYS A 35 13.74 -11.72 4.65
C LYS A 35 14.09 -12.24 3.24
N GLY A 36 13.27 -11.90 2.24
CA GLY A 36 13.46 -12.27 0.82
C GLY A 36 13.17 -11.14 -0.17
N CYS A 37 13.17 -9.88 0.28
CA CYS A 37 13.03 -8.70 -0.59
C CYS A 37 14.24 -8.51 -1.52
N ALA A 38 14.06 -7.85 -2.66
CA ALA A 38 15.11 -7.70 -3.69
C ALA A 38 15.00 -6.47 -4.60
N GLU A 39 13.79 -6.05 -5.00
CA GLU A 39 13.57 -5.03 -6.03
C GLU A 39 12.34 -4.15 -5.71
N LYS A 40 12.30 -2.94 -6.28
CA LYS A 40 11.21 -1.95 -6.13
C LYS A 40 9.82 -2.57 -6.35
N SER A 41 9.68 -3.37 -7.40
CA SER A 41 8.44 -4.05 -7.79
C SER A 41 7.92 -5.07 -6.77
N ASP A 42 8.81 -5.69 -5.97
CA ASP A 42 8.41 -6.63 -4.92
C ASP A 42 7.78 -5.94 -3.70
N TYR A 43 8.22 -4.72 -3.34
CA TYR A 43 7.54 -3.92 -2.32
C TYR A 43 6.15 -3.47 -2.79
N ILE A 44 6.04 -3.01 -4.05
CA ILE A 44 4.75 -2.68 -4.69
C ILE A 44 3.82 -3.91 -4.72
N ARG A 45 4.35 -5.10 -5.05
CA ARG A 45 3.65 -6.38 -5.00
C ARG A 45 3.14 -6.70 -3.59
N LYS A 46 4.00 -6.73 -2.57
CA LYS A 46 3.63 -6.96 -1.16
C LYS A 46 2.52 -6.01 -0.69
N ILE A 47 2.57 -4.73 -1.06
CA ILE A 47 1.50 -3.77 -0.79
C ILE A 47 0.20 -4.12 -1.52
N ASN A 48 0.25 -4.45 -2.82
CA ASN A 48 -0.92 -4.90 -3.57
C ASN A 48 -1.54 -6.20 -3.01
N GLU A 49 -0.76 -7.06 -2.34
CA GLU A 49 -1.27 -8.27 -1.69
C GLU A 49 -1.85 -8.03 -0.28
N LEU A 50 -1.36 -7.02 0.45
CA LEU A 50 -1.64 -6.84 1.89
C LEU A 50 -2.38 -5.54 2.26
N MET A 51 -2.47 -4.55 1.37
CA MET A 51 -3.32 -3.37 1.54
C MET A 51 -4.79 -3.73 1.86
N PRO A 52 -5.47 -4.65 1.13
CA PRO A 52 -6.86 -5.04 1.45
C PRO A 52 -6.98 -5.87 2.74
N LYS A 53 -5.87 -6.41 3.25
CA LYS A 53 -5.79 -7.17 4.51
C LYS A 53 -5.78 -6.26 5.75
N TYR A 54 -5.19 -5.05 5.65
CA TYR A 54 -4.88 -4.20 6.81
C TYR A 54 -5.30 -2.72 6.73
N ALA A 55 -5.73 -2.20 5.58
CA ALA A 55 -6.05 -0.77 5.40
C ALA A 55 -7.46 -0.52 4.81
N PRO A 56 -7.71 -0.22 3.51
CA PRO A 56 -9.06 -0.06 2.99
C PRO A 56 -9.79 -1.42 2.87
N LYS A 57 -11.08 -1.33 2.54
CA LYS A 57 -11.97 -2.49 2.26
C LYS A 57 -11.50 -3.33 1.07
N ALA A 58 -10.97 -2.65 0.04
CA ALA A 58 -10.41 -3.27 -1.16
C ALA A 58 -9.45 -2.30 -1.87
N ALA A 59 -8.26 -2.77 -2.26
CA ALA A 59 -7.24 -1.96 -2.93
C ALA A 59 -7.45 -1.81 -4.45
N SER A 60 -8.12 -2.79 -5.07
CA SER A 60 -8.41 -2.84 -6.52
C SER A 60 -9.70 -3.58 -6.88
N ALA A 61 -10.11 -4.57 -6.10
CA ALA A 61 -11.37 -5.33 -6.26
C ALA A 61 -12.65 -4.46 -6.08
N ARG A 62 -12.53 -3.21 -5.62
CA ARG A 62 -13.62 -2.23 -5.51
C ARG A 62 -14.39 -1.96 -6.81
N THR A 63 -13.81 -2.28 -7.97
CA THR A 63 -14.48 -2.22 -9.29
C THR A 63 -15.67 -3.20 -9.43
N ASP A 64 -15.87 -4.12 -8.47
CA ASP A 64 -16.99 -5.08 -8.46
C ASP A 64 -18.38 -4.44 -8.23
N LEU A 65 -18.44 -3.17 -7.77
CA LEU A 65 -19.67 -2.42 -7.47
C LEU A 65 -19.60 -0.95 -7.94
N MET A 1 -21.87 9.05 -5.07
CA MET A 1 -21.32 9.70 -3.85
C MET A 1 -19.79 9.65 -3.88
N GLY A 2 -19.13 10.79 -3.61
CA GLY A 2 -17.68 10.96 -3.71
C GLY A 2 -17.12 12.03 -2.78
N LYS A 3 -17.66 12.13 -1.56
CA LYS A 3 -17.42 13.20 -0.57
C LYS A 3 -17.28 12.64 0.87
N TYR A 4 -16.79 11.40 0.98
CA TYR A 4 -16.67 10.63 2.22
C TYR A 4 -15.78 11.30 3.28
N ASP A 5 -16.06 11.03 4.56
CA ASP A 5 -15.37 11.62 5.72
C ASP A 5 -14.22 10.75 6.28
N LYS A 6 -13.99 9.56 5.68
CA LYS A 6 -13.02 8.53 6.14
C LYS A 6 -12.01 8.13 5.06
N GLN A 7 -11.74 9.04 4.11
CA GLN A 7 -10.76 8.85 3.04
C GLN A 7 -9.31 8.68 3.57
N ILE A 8 -8.42 8.14 2.73
CA ILE A 8 -7.05 7.78 3.08
C ILE A 8 -6.10 7.95 1.88
N ASP A 9 -4.94 8.57 2.09
CA ASP A 9 -3.97 8.87 1.01
C ASP A 9 -3.35 7.62 0.35
N LEU A 10 -3.23 6.52 1.09
CA LEU A 10 -2.81 5.21 0.58
C LEU A 10 -3.68 4.69 -0.59
N SER A 11 -4.91 5.20 -0.73
CA SER A 11 -5.80 4.88 -1.86
C SER A 11 -5.32 5.47 -3.21
N THR A 12 -4.40 6.45 -3.18
CA THR A 12 -3.89 7.17 -4.38
C THR A 12 -2.37 7.42 -4.36
N VAL A 13 -1.65 6.98 -3.31
CA VAL A 13 -0.20 7.16 -3.14
C VAL A 13 0.59 6.53 -4.29
N ASP A 14 1.58 7.23 -4.83
CA ASP A 14 2.33 6.83 -6.03
C ASP A 14 3.43 5.80 -5.73
N LEU A 15 3.04 4.55 -5.40
CA LEU A 15 3.95 3.46 -5.03
C LEU A 15 5.13 3.25 -6.00
N LYS A 16 4.93 3.46 -7.31
CA LYS A 16 5.98 3.40 -8.34
C LYS A 16 7.00 4.56 -8.29
N LYS A 17 6.62 5.73 -7.75
CA LYS A 17 7.42 6.96 -7.71
C LYS A 17 8.13 7.22 -6.37
N LEU A 18 7.52 6.83 -5.24
CA LEU A 18 8.15 6.94 -3.91
C LEU A 18 9.44 6.10 -3.81
N ARG A 19 10.36 6.50 -2.92
CA ARG A 19 11.57 5.74 -2.57
C ARG A 19 11.21 4.51 -1.73
N VAL A 20 12.09 3.49 -1.72
CA VAL A 20 11.90 2.22 -0.97
C VAL A 20 11.62 2.46 0.52
N LYS A 21 12.18 3.51 1.13
CA LYS A 21 11.88 3.94 2.52
C LYS A 21 10.39 4.12 2.79
N GLU A 22 9.66 4.74 1.85
CA GLU A 22 8.23 4.98 1.98
C GLU A 22 7.41 3.70 1.78
N LEU A 23 7.86 2.77 0.94
CA LEU A 23 7.22 1.45 0.80
C LEU A 23 7.45 0.60 2.05
N LYS A 24 8.68 0.58 2.60
CA LYS A 24 9.02 -0.04 3.88
C LYS A 24 8.15 0.47 5.04
N LYS A 25 7.83 1.77 5.09
CA LYS A 25 6.91 2.35 6.08
C LYS A 25 5.51 1.72 6.03
N ILE A 26 4.91 1.61 4.83
CA ILE A 26 3.57 1.04 4.63
C ILE A 26 3.50 -0.42 5.13
N LEU A 27 4.58 -1.16 4.90
CA LEU A 27 4.75 -2.55 5.32
C LEU A 27 5.00 -2.69 6.84
N ASP A 28 5.85 -1.82 7.42
CA ASP A 28 6.15 -1.79 8.85
C ASP A 28 4.92 -1.42 9.71
N ASP A 29 4.01 -0.58 9.19
CA ASP A 29 2.71 -0.29 9.81
C ASP A 29 1.79 -1.52 9.98
N TRP A 30 2.08 -2.60 9.23
CA TRP A 30 1.43 -3.91 9.30
C TRP A 30 2.33 -5.01 9.89
N GLY A 31 3.55 -4.66 10.33
CA GLY A 31 4.50 -5.57 10.98
C GLY A 31 5.37 -6.40 10.02
N GLU A 32 5.56 -5.93 8.77
CA GLU A 32 6.25 -6.68 7.71
C GLU A 32 7.43 -5.92 7.08
N THR A 33 8.35 -6.66 6.45
CA THR A 33 9.65 -6.20 5.94
C THR A 33 10.08 -6.99 4.70
N CYS A 34 11.28 -6.72 4.15
CA CYS A 34 11.95 -7.52 3.12
C CYS A 34 12.37 -8.91 3.65
N LYS A 35 11.40 -9.80 3.92
CA LYS A 35 11.62 -11.19 4.38
C LYS A 35 12.43 -12.04 3.37
N GLY A 36 12.26 -11.76 2.08
CA GLY A 36 12.99 -12.38 0.97
C GLY A 36 12.88 -11.62 -0.36
N CYS A 37 12.71 -10.29 -0.29
CA CYS A 37 12.56 -9.42 -1.47
C CYS A 37 13.87 -9.26 -2.28
N ALA A 38 13.77 -8.70 -3.49
CA ALA A 38 14.92 -8.49 -4.39
C ALA A 38 14.88 -7.21 -5.25
N GLU A 39 13.73 -6.55 -5.41
CA GLU A 39 13.53 -5.39 -6.30
C GLU A 39 12.49 -4.39 -5.75
N LYS A 40 12.51 -3.15 -6.24
CA LYS A 40 11.52 -2.08 -5.94
C LYS A 40 10.09 -2.57 -6.15
N SER A 41 9.83 -3.18 -7.30
CA SER A 41 8.53 -3.73 -7.69
C SER A 41 8.07 -4.89 -6.81
N ASP A 42 8.97 -5.59 -6.11
CA ASP A 42 8.58 -6.62 -5.13
C ASP A 42 8.02 -6.01 -3.83
N TYR A 43 8.49 -4.83 -3.42
CA TYR A 43 7.87 -4.07 -2.32
C TYR A 43 6.46 -3.60 -2.72
N ILE A 44 6.26 -3.13 -3.97
CA ILE A 44 4.94 -2.77 -4.53
C ILE A 44 4.00 -3.99 -4.52
N ARG A 45 4.48 -5.15 -4.96
CA ARG A 45 3.73 -6.43 -4.86
C ARG A 45 3.37 -6.75 -3.42
N LYS A 46 4.32 -6.72 -2.48
CA LYS A 46 4.06 -7.04 -1.06
C LYS A 46 3.08 -6.07 -0.40
N ILE A 47 3.07 -4.79 -0.79
CA ILE A 47 2.01 -3.85 -0.38
C ILE A 47 0.65 -4.29 -0.94
N ASN A 48 0.54 -4.52 -2.25
CA ASN A 48 -0.72 -4.93 -2.89
C ASN A 48 -1.22 -6.32 -2.42
N GLU A 49 -0.33 -7.17 -1.90
CA GLU A 49 -0.65 -8.47 -1.30
C GLU A 49 -1.31 -8.33 0.09
N LEU A 50 -1.02 -7.24 0.82
CA LEU A 50 -1.37 -7.05 2.24
C LEU A 50 -2.29 -5.84 2.50
N MET A 51 -2.42 -4.90 1.56
CA MET A 51 -3.36 -3.79 1.63
C MET A 51 -4.84 -4.25 1.74
N PRO A 52 -5.35 -5.25 1.01
CA PRO A 52 -6.72 -5.75 1.22
C PRO A 52 -6.90 -6.53 2.53
N LYS A 53 -5.80 -7.04 3.12
CA LYS A 53 -5.76 -7.79 4.39
C LYS A 53 -5.73 -6.87 5.63
N TYR A 54 -5.14 -5.67 5.54
CA TYR A 54 -4.96 -4.76 6.69
C TYR A 54 -5.43 -3.31 6.49
N ALA A 55 -5.77 -2.91 5.25
CA ALA A 55 -6.21 -1.56 4.88
C ALA A 55 -7.23 -1.57 3.71
N PRO A 56 -8.36 -2.30 3.82
CA PRO A 56 -9.34 -2.43 2.73
C PRO A 56 -10.00 -1.10 2.30
N LYS A 57 -9.89 -0.05 3.12
CA LYS A 57 -10.24 1.35 2.78
C LYS A 57 -9.45 1.94 1.61
N ALA A 58 -8.34 1.28 1.24
CA ALA A 58 -7.35 1.80 0.30
C ALA A 58 -6.96 0.81 -0.82
N ALA A 59 -7.30 -0.47 -0.69
CA ALA A 59 -6.99 -1.55 -1.65
C ALA A 59 -7.56 -1.35 -3.07
N SER A 60 -8.45 -0.36 -3.27
CA SER A 60 -8.93 0.13 -4.56
C SER A 60 -7.87 0.85 -5.41
N ALA A 61 -6.67 1.14 -4.86
CA ALA A 61 -5.54 1.77 -5.55
C ALA A 61 -5.10 1.02 -6.84
N ARG A 62 -4.53 1.77 -7.79
CA ARG A 62 -4.03 1.27 -9.10
C ARG A 62 -2.66 1.84 -9.49
N THR A 63 -1.96 2.46 -8.54
CA THR A 63 -0.64 3.12 -8.75
C THR A 63 0.54 2.15 -8.91
N ASP A 64 0.30 0.85 -8.82
CA ASP A 64 1.24 -0.23 -9.15
C ASP A 64 1.44 -0.47 -10.67
N LEU A 65 0.48 -0.02 -11.50
CA LEU A 65 0.48 -0.18 -12.96
C LEU A 65 1.61 0.62 -13.66
N MET A 1 -16.63 15.91 -11.44
CA MET A 1 -17.68 14.90 -11.11
C MET A 1 -17.37 13.54 -11.74
N GLY A 2 -17.90 12.46 -11.14
CA GLY A 2 -17.77 11.08 -11.67
C GLY A 2 -16.41 10.40 -11.43
N LYS A 3 -15.62 10.90 -10.46
CA LYS A 3 -14.27 10.42 -10.12
C LYS A 3 -13.97 10.60 -8.62
N TYR A 4 -13.05 9.79 -8.09
CA TYR A 4 -12.54 9.88 -6.71
C TYR A 4 -12.05 11.31 -6.34
N ASP A 5 -12.37 11.77 -5.13
CA ASP A 5 -12.19 13.17 -4.69
C ASP A 5 -11.74 13.30 -3.21
N LYS A 6 -11.16 12.23 -2.66
CA LYS A 6 -10.72 12.10 -1.25
C LYS A 6 -9.21 11.81 -1.18
N GLN A 7 -8.70 11.42 -0.01
CA GLN A 7 -7.29 11.06 0.23
C GLN A 7 -7.16 9.77 1.06
N ILE A 8 -6.10 9.01 0.81
CA ILE A 8 -5.75 7.75 1.50
C ILE A 8 -4.22 7.54 1.47
N ASP A 9 -3.67 6.87 2.48
CA ASP A 9 -2.22 6.77 2.74
C ASP A 9 -1.39 6.07 1.64
N LEU A 10 -1.98 5.16 0.87
CA LEU A 10 -1.25 4.31 -0.08
C LEU A 10 -1.98 3.97 -1.41
N SER A 11 -3.32 3.89 -1.45
CA SER A 11 -4.07 3.49 -2.65
C SER A 11 -4.09 4.57 -3.77
N THR A 12 -3.60 5.79 -3.49
CA THR A 12 -3.53 6.92 -4.42
C THR A 12 -2.18 7.69 -4.36
N VAL A 13 -1.20 7.16 -3.63
CA VAL A 13 0.09 7.84 -3.34
C VAL A 13 1.13 7.70 -4.47
N ASP A 14 0.86 6.85 -5.46
CA ASP A 14 1.77 6.39 -6.52
C ASP A 14 2.97 5.60 -5.97
N LEU A 15 2.78 4.33 -5.62
CA LEU A 15 3.85 3.44 -5.11
C LEU A 15 5.06 3.33 -6.06
N LYS A 16 4.86 3.55 -7.37
CA LYS A 16 5.92 3.63 -8.40
C LYS A 16 6.81 4.88 -8.26
N LYS A 17 6.24 6.00 -7.80
CA LYS A 17 6.88 7.32 -7.61
C LYS A 17 7.76 7.37 -6.34
N LEU A 18 7.30 6.72 -5.27
CA LEU A 18 8.00 6.56 -3.99
C LEU A 18 9.31 5.75 -4.13
N ARG A 19 10.16 5.79 -3.09
CA ARG A 19 11.40 4.99 -2.97
C ARG A 19 11.20 3.78 -2.04
N VAL A 20 12.14 2.84 -2.04
CA VAL A 20 12.06 1.59 -1.24
C VAL A 20 11.80 1.86 0.25
N LYS A 21 12.47 2.86 0.84
CA LYS A 21 12.27 3.27 2.25
C LYS A 21 10.85 3.75 2.54
N GLU A 22 10.21 4.42 1.59
CA GLU A 22 8.82 4.91 1.69
C GLU A 22 7.79 3.79 1.59
N LEU A 23 8.13 2.65 0.96
CA LEU A 23 7.30 1.43 0.94
C LEU A 23 7.57 0.55 2.17
N LYS A 24 8.82 0.42 2.63
CA LYS A 24 9.18 -0.26 3.89
C LYS A 24 8.45 0.31 5.11
N LYS A 25 8.21 1.62 5.13
CA LYS A 25 7.35 2.32 6.10
C LYS A 25 5.94 1.71 6.20
N ILE A 26 5.30 1.44 5.05
CA ILE A 26 3.93 0.91 4.98
C ILE A 26 3.89 -0.50 5.60
N LEU A 27 4.91 -1.31 5.31
CA LEU A 27 5.06 -2.66 5.86
C LEU A 27 5.31 -2.62 7.38
N ASP A 28 6.23 -1.76 7.84
CA ASP A 28 6.54 -1.58 9.25
C ASP A 28 5.33 -1.11 10.09
N ASP A 29 4.49 -0.22 9.54
CA ASP A 29 3.25 0.25 10.19
C ASP A 29 2.22 -0.88 10.41
N TRP A 30 2.16 -1.85 9.49
CA TRP A 30 1.33 -3.06 9.62
C TRP A 30 1.95 -4.15 10.53
N GLY A 31 3.23 -4.02 10.92
CA GLY A 31 3.98 -5.07 11.60
C GLY A 31 4.42 -6.21 10.67
N GLU A 32 4.73 -5.89 9.41
CA GLU A 32 5.03 -6.83 8.32
C GLU A 32 6.44 -6.60 7.75
N THR A 33 6.90 -7.53 6.89
CA THR A 33 8.27 -7.60 6.35
C THR A 33 8.31 -7.94 4.86
N CYS A 34 9.49 -7.88 4.24
CA CYS A 34 9.72 -8.13 2.81
C CYS A 34 10.93 -9.07 2.62
N LYS A 35 10.89 -10.25 3.26
CA LYS A 35 11.92 -11.28 3.18
C LYS A 35 12.22 -11.68 1.72
N GLY A 36 13.44 -11.38 1.26
CA GLY A 36 13.91 -11.69 -0.10
C GLY A 36 13.67 -10.60 -1.14
N CYS A 37 12.99 -9.50 -0.79
CA CYS A 37 12.77 -8.35 -1.68
C CYS A 37 14.08 -7.61 -1.99
N ALA A 38 14.29 -7.21 -3.24
CA ALA A 38 15.54 -6.62 -3.73
C ALA A 38 15.35 -5.45 -4.73
N GLU A 39 14.15 -5.30 -5.31
CA GLU A 39 13.77 -4.22 -6.24
C GLU A 39 12.39 -3.65 -5.88
N LYS A 40 12.07 -2.44 -6.36
CA LYS A 40 10.77 -1.76 -6.13
C LYS A 40 9.56 -2.64 -6.43
N SER A 41 9.62 -3.45 -7.49
CA SER A 41 8.54 -4.36 -7.86
C SER A 41 8.23 -5.42 -6.78
N ASP A 42 9.22 -5.80 -5.96
CA ASP A 42 8.98 -6.72 -4.83
C ASP A 42 8.22 -6.04 -3.68
N TYR A 43 8.57 -4.79 -3.35
CA TYR A 43 7.89 -4.02 -2.30
C TYR A 43 6.46 -3.65 -2.72
N ILE A 44 6.25 -3.27 -4.00
CA ILE A 44 4.92 -3.07 -4.59
C ILE A 44 4.09 -4.37 -4.53
N ARG A 45 4.67 -5.52 -4.91
CA ARG A 45 4.02 -6.85 -4.81
C ARG A 45 3.62 -7.20 -3.37
N LYS A 46 4.53 -7.02 -2.40
CA LYS A 46 4.26 -7.27 -0.97
C LYS A 46 3.20 -6.34 -0.38
N ILE A 47 3.13 -5.08 -0.83
CA ILE A 47 2.01 -4.19 -0.49
C ILE A 47 0.69 -4.70 -1.10
N ASN A 48 0.67 -5.01 -2.41
CA ASN A 48 -0.54 -5.53 -3.06
C ASN A 48 -1.01 -6.88 -2.49
N GLU A 49 -0.12 -7.65 -1.88
CA GLU A 49 -0.42 -8.91 -1.19
C GLU A 49 -1.15 -8.70 0.16
N LEU A 50 -0.94 -7.54 0.82
CA LEU A 50 -1.35 -7.30 2.20
C LEU A 50 -2.30 -6.09 2.38
N MET A 51 -2.41 -5.20 1.39
CA MET A 51 -3.36 -4.09 1.39
C MET A 51 -4.83 -4.55 1.52
N PRO A 52 -5.30 -5.66 0.92
CA PRO A 52 -6.64 -6.19 1.17
C PRO A 52 -6.92 -6.56 2.64
N LYS A 53 -5.87 -6.91 3.41
CA LYS A 53 -5.93 -7.28 4.83
C LYS A 53 -6.09 -6.05 5.75
N TYR A 54 -5.46 -4.93 5.39
CA TYR A 54 -5.30 -3.75 6.25
C TYR A 54 -5.94 -2.45 5.73
N ALA A 55 -6.47 -2.46 4.49
CA ALA A 55 -7.29 -1.41 3.90
C ALA A 55 -8.47 -1.98 3.08
N PRO A 56 -9.39 -2.77 3.68
CA PRO A 56 -10.57 -3.29 3.00
C PRO A 56 -11.44 -2.20 2.35
N LYS A 57 -12.19 -2.64 1.34
CA LYS A 57 -13.06 -1.84 0.44
C LYS A 57 -12.37 -0.63 -0.24
N ALA A 58 -11.04 -0.61 -0.24
CA ALA A 58 -10.22 0.51 -0.71
C ALA A 58 -8.81 0.09 -1.20
N ALA A 59 -8.57 -1.21 -1.41
CA ALA A 59 -7.28 -1.75 -1.82
C ALA A 59 -6.96 -1.52 -3.31
N SER A 60 -5.70 -1.78 -3.69
CA SER A 60 -5.18 -1.68 -5.07
C SER A 60 -5.68 -2.76 -6.04
N ALA A 61 -6.45 -3.75 -5.57
CA ALA A 61 -6.94 -4.88 -6.37
C ALA A 61 -7.81 -4.45 -7.57
N ARG A 62 -7.72 -5.22 -8.67
CA ARG A 62 -8.49 -5.00 -9.91
C ARG A 62 -10.01 -5.14 -9.77
N THR A 63 -10.47 -5.73 -8.67
CA THR A 63 -11.88 -5.76 -8.25
C THR A 63 -12.43 -4.37 -7.86
N ASP A 64 -11.57 -3.35 -7.76
CA ASP A 64 -11.93 -1.98 -7.32
C ASP A 64 -11.30 -0.85 -8.17
N LEU A 65 -10.34 -1.18 -9.06
CA LEU A 65 -9.63 -0.24 -9.95
C LEU A 65 -9.57 -0.76 -11.40
N MET A 1 -13.88 16.70 8.00
CA MET A 1 -12.44 17.05 7.86
C MET A 1 -11.94 17.82 9.08
N GLY A 2 -10.67 17.62 9.45
CA GLY A 2 -10.03 18.25 10.62
C GLY A 2 -8.55 17.89 10.80
N LYS A 3 -7.97 18.33 11.93
CA LYS A 3 -6.55 18.15 12.30
C LYS A 3 -6.33 17.61 13.72
N TYR A 4 -7.37 17.00 14.30
CA TYR A 4 -7.44 16.50 15.68
C TYR A 4 -7.95 15.05 15.76
N ASP A 5 -7.84 14.30 14.65
CA ASP A 5 -8.33 12.92 14.50
C ASP A 5 -7.37 12.08 13.61
N LYS A 6 -7.51 10.75 13.65
CA LYS A 6 -6.66 9.78 12.94
C LYS A 6 -6.77 9.85 11.41
N GLN A 7 -5.77 9.31 10.73
CA GLN A 7 -5.65 9.19 9.26
C GLN A 7 -4.80 7.97 8.85
N ILE A 8 -4.72 7.68 7.55
CA ILE A 8 -3.94 6.55 6.98
C ILE A 8 -3.34 6.92 5.62
N ASP A 9 -2.06 6.58 5.41
CA ASP A 9 -1.30 6.98 4.22
C ASP A 9 -1.85 6.39 2.91
N LEU A 10 -2.39 5.16 2.96
CA LEU A 10 -3.02 4.47 1.84
C LEU A 10 -4.27 5.20 1.28
N SER A 11 -4.79 6.21 2.00
CA SER A 11 -5.84 7.11 1.50
C SER A 11 -5.39 8.01 0.32
N THR A 12 -4.09 8.29 0.21
CA THR A 12 -3.51 9.23 -0.78
C THR A 12 -2.21 8.73 -1.44
N VAL A 13 -1.82 7.48 -1.18
CA VAL A 13 -0.59 6.83 -1.69
C VAL A 13 -0.53 6.73 -3.23
N ASP A 14 0.69 6.65 -3.77
CA ASP A 14 0.97 6.33 -5.18
C ASP A 14 2.25 5.48 -5.27
N LEU A 15 2.10 4.15 -5.16
CA LEU A 15 3.19 3.18 -4.97
C LEU A 15 4.35 3.27 -5.98
N LYS A 16 4.10 3.71 -7.23
CA LYS A 16 5.15 3.94 -8.23
C LYS A 16 6.05 5.16 -7.93
N LYS A 17 5.48 6.19 -7.29
CA LYS A 17 6.14 7.45 -6.93
C LYS A 17 6.96 7.35 -5.65
N LEU A 18 6.49 6.55 -4.68
CA LEU A 18 7.19 6.25 -3.42
C LEU A 18 8.59 5.63 -3.66
N ARG A 19 9.55 5.95 -2.78
CA ARG A 19 10.88 5.30 -2.71
C ARG A 19 10.76 3.92 -2.07
N VAL A 20 11.81 3.10 -2.19
CA VAL A 20 11.95 1.83 -1.45
C VAL A 20 11.78 2.06 0.07
N LYS A 21 12.38 3.13 0.61
CA LYS A 21 12.26 3.54 2.02
C LYS A 21 10.83 3.84 2.48
N GLU A 22 9.99 4.38 1.59
CA GLU A 22 8.58 4.65 1.88
C GLU A 22 7.72 3.38 1.76
N LEU A 23 7.99 2.53 0.75
CA LEU A 23 7.30 1.24 0.59
C LEU A 23 7.61 0.27 1.75
N LYS A 24 8.85 0.23 2.25
CA LYS A 24 9.23 -0.48 3.49
C LYS A 24 8.39 -0.02 4.69
N LYS A 25 8.10 1.27 4.83
CA LYS A 25 7.31 1.80 5.96
C LYS A 25 5.85 1.33 5.94
N ILE A 26 5.24 1.16 4.76
CA ILE A 26 3.90 0.58 4.61
C ILE A 26 3.85 -0.85 5.19
N LEU A 27 4.99 -1.57 5.19
CA LEU A 27 5.07 -2.94 5.72
C LEU A 27 5.36 -2.94 7.22
N ASP A 28 6.26 -2.07 7.69
CA ASP A 28 6.52 -1.86 9.12
C ASP A 28 5.26 -1.45 9.91
N ASP A 29 4.36 -0.66 9.31
CA ASP A 29 3.06 -0.31 9.87
C ASP A 29 2.12 -1.52 10.10
N TRP A 30 2.37 -2.65 9.43
CA TRP A 30 1.60 -3.89 9.50
C TRP A 30 2.36 -5.06 10.17
N GLY A 31 3.61 -4.83 10.61
CA GLY A 31 4.45 -5.85 11.25
C GLY A 31 5.25 -6.73 10.28
N GLU A 32 5.48 -6.25 9.05
CA GLU A 32 6.20 -6.96 7.97
C GLU A 32 7.50 -6.20 7.58
N THR A 33 8.46 -6.91 6.95
CA THR A 33 9.79 -6.37 6.59
C THR A 33 10.29 -6.77 5.20
N CYS A 34 9.61 -7.71 4.53
CA CYS A 34 10.05 -8.37 3.28
C CYS A 34 11.56 -8.69 3.21
N LYS A 35 12.03 -9.58 4.10
CA LYS A 35 13.42 -10.09 4.13
C LYS A 35 13.91 -10.73 2.81
N GLY A 36 13.00 -11.10 1.90
CA GLY A 36 13.29 -11.70 0.59
C GLY A 36 13.07 -10.77 -0.62
N CYS A 37 12.64 -9.51 -0.44
CA CYS A 37 12.56 -8.51 -1.51
C CYS A 37 13.98 -8.16 -2.04
N ALA A 38 14.09 -7.85 -3.34
CA ALA A 38 15.36 -7.55 -4.02
C ALA A 38 15.28 -6.31 -4.93
N GLU A 39 14.08 -5.84 -5.28
CA GLU A 39 13.83 -4.62 -6.08
C GLU A 39 12.63 -3.83 -5.52
N LYS A 40 12.53 -2.54 -5.90
CA LYS A 40 11.41 -1.64 -5.55
C LYS A 40 10.04 -2.26 -5.82
N SER A 41 9.90 -2.92 -6.97
CA SER A 41 8.69 -3.62 -7.40
C SER A 41 8.27 -4.80 -6.50
N ASP A 42 9.20 -5.45 -5.78
CA ASP A 42 8.85 -6.53 -4.84
C ASP A 42 8.10 -5.99 -3.60
N TYR A 43 8.41 -4.77 -3.15
CA TYR A 43 7.64 -4.12 -2.09
C TYR A 43 6.22 -3.76 -2.57
N ILE A 44 6.06 -3.31 -3.81
CA ILE A 44 4.73 -3.12 -4.44
C ILE A 44 3.97 -4.46 -4.50
N ARG A 45 4.62 -5.57 -4.88
CA ARG A 45 4.02 -6.92 -4.89
C ARG A 45 3.51 -7.34 -3.51
N LYS A 46 4.29 -7.15 -2.44
CA LYS A 46 3.86 -7.37 -1.05
C LYS A 46 2.65 -6.50 -0.68
N ILE A 47 2.72 -5.21 -0.95
CA ILE A 47 1.64 -4.25 -0.63
C ILE A 47 0.34 -4.61 -1.36
N ASN A 48 0.39 -4.94 -2.66
CA ASN A 48 -0.79 -5.35 -3.43
C ASN A 48 -1.45 -6.64 -2.90
N GLU A 49 -0.69 -7.51 -2.21
CA GLU A 49 -1.22 -8.73 -1.59
C GLU A 49 -1.82 -8.49 -0.19
N LEU A 50 -1.34 -7.49 0.55
CA LEU A 50 -1.65 -7.31 1.98
C LEU A 50 -2.51 -6.07 2.30
N MET A 51 -2.52 -5.03 1.45
CA MET A 51 -3.33 -3.83 1.65
C MET A 51 -4.84 -4.12 1.82
N PRO A 52 -5.49 -5.00 1.03
CA PRO A 52 -6.94 -5.25 1.14
C PRO A 52 -7.41 -5.67 2.55
N LYS A 53 -6.54 -6.36 3.31
CA LYS A 53 -6.77 -6.79 4.69
C LYS A 53 -6.71 -5.63 5.71
N TYR A 54 -5.92 -4.59 5.42
CA TYR A 54 -5.57 -3.54 6.38
C TYR A 54 -6.11 -2.14 6.06
N ALA A 55 -6.45 -1.85 4.80
CA ALA A 55 -6.97 -0.56 4.32
C ALA A 55 -7.86 -0.75 3.07
N PRO A 56 -9.10 -0.21 3.05
CA PRO A 56 -9.98 -0.27 1.88
C PRO A 56 -9.58 0.72 0.77
N LYS A 57 -9.02 1.88 1.13
CA LYS A 57 -8.47 2.88 0.20
C LYS A 57 -7.26 2.31 -0.57
N ALA A 58 -7.13 2.69 -1.84
CA ALA A 58 -6.17 2.15 -2.82
C ALA A 58 -6.20 0.61 -3.02
N ALA A 59 -7.22 -0.08 -2.50
CA ALA A 59 -7.44 -1.53 -2.63
C ALA A 59 -8.90 -1.89 -3.01
N SER A 60 -9.70 -0.90 -3.41
CA SER A 60 -11.08 -1.05 -3.91
C SER A 60 -11.45 0.05 -4.90
N ALA A 61 -12.45 -0.19 -5.76
CA ALA A 61 -12.84 0.69 -6.86
C ALA A 61 -14.34 0.68 -7.20
N ARG A 62 -15.19 0.09 -6.35
CA ARG A 62 -16.66 -0.03 -6.55
C ARG A 62 -17.34 1.36 -6.64
N THR A 63 -18.36 1.48 -7.48
CA THR A 63 -19.20 2.69 -7.66
C THR A 63 -20.23 2.85 -6.52
N ASP A 64 -19.75 2.80 -5.27
CA ASP A 64 -20.48 2.71 -3.99
C ASP A 64 -21.30 1.43 -3.79
N LEU A 65 -21.88 0.87 -4.85
CA LEU A 65 -22.71 -0.36 -4.90
C LEU A 65 -22.43 -1.18 -6.18
N MET A 1 -24.26 -3.69 1.50
CA MET A 1 -24.09 -2.26 1.13
C MET A 1 -23.81 -1.42 2.38
N GLY A 2 -22.84 -0.51 2.30
CA GLY A 2 -22.43 0.38 3.41
C GLY A 2 -21.24 1.29 3.09
N LYS A 3 -20.83 2.10 4.07
CA LYS A 3 -19.71 3.05 4.00
C LYS A 3 -18.90 3.06 5.31
N TYR A 4 -17.69 3.61 5.26
CA TYR A 4 -16.73 3.64 6.38
C TYR A 4 -16.54 5.03 7.02
N ASP A 5 -16.99 6.11 6.36
CA ASP A 5 -16.88 7.51 6.80
C ASP A 5 -15.47 7.93 7.28
N LYS A 6 -14.41 7.42 6.61
CA LYS A 6 -12.99 7.63 6.96
C LYS A 6 -12.10 7.74 5.72
N GLN A 7 -11.12 8.66 5.76
CA GLN A 7 -10.15 8.92 4.69
C GLN A 7 -8.99 7.91 4.66
N ILE A 8 -8.27 7.87 3.53
CA ILE A 8 -7.14 6.97 3.25
C ILE A 8 -6.06 7.68 2.40
N ASP A 9 -4.86 7.09 2.32
CA ASP A 9 -3.76 7.56 1.45
C ASP A 9 -2.98 6.42 0.80
N LEU A 10 -2.57 5.39 1.54
CA LEU A 10 -1.80 4.26 1.01
C LEU A 10 -2.50 3.43 -0.10
N SER A 11 -3.82 3.57 -0.27
CA SER A 11 -4.60 2.93 -1.35
C SER A 11 -4.67 3.76 -2.64
N THR A 12 -4.19 5.01 -2.62
CA THR A 12 -4.24 5.96 -3.77
C THR A 12 -2.90 6.64 -4.07
N VAL A 13 -1.92 6.53 -3.17
CA VAL A 13 -0.51 6.92 -3.36
C VAL A 13 0.10 6.27 -4.62
N ASP A 14 1.00 6.99 -5.31
CA ASP A 14 1.55 6.59 -6.60
C ASP A 14 2.89 5.84 -6.44
N LEU A 15 2.82 4.58 -5.99
CA LEU A 15 3.95 3.74 -5.54
C LEU A 15 5.12 3.66 -6.54
N LYS A 16 4.88 3.80 -7.85
CA LYS A 16 5.91 3.83 -8.89
C LYS A 16 6.94 4.97 -8.73
N LYS A 17 6.55 6.11 -8.13
CA LYS A 17 7.44 7.27 -7.86
C LYS A 17 8.21 7.14 -6.55
N LEU A 18 7.58 6.56 -5.52
CA LEU A 18 8.16 6.35 -4.19
C LEU A 18 9.44 5.47 -4.22
N ARG A 19 10.35 5.70 -3.26
CA ARG A 19 11.56 4.87 -3.05
C ARG A 19 11.23 3.60 -2.25
N VAL A 20 12.14 2.62 -2.25
CA VAL A 20 12.03 1.38 -1.44
C VAL A 20 11.78 1.69 0.05
N LYS A 21 12.44 2.70 0.62
CA LYS A 21 12.24 3.18 2.00
C LYS A 21 10.78 3.57 2.29
N GLU A 22 10.16 4.26 1.34
CA GLU A 22 8.78 4.75 1.46
C GLU A 22 7.76 3.61 1.40
N LEU A 23 8.05 2.51 0.70
CA LEU A 23 7.23 1.30 0.68
C LEU A 23 7.47 0.43 1.94
N LYS A 24 8.72 0.30 2.39
CA LYS A 24 9.08 -0.36 3.66
C LYS A 24 8.38 0.28 4.86
N LYS A 25 8.18 1.60 4.87
CA LYS A 25 7.35 2.31 5.86
C LYS A 25 5.91 1.77 5.92
N ILE A 26 5.24 1.66 4.77
CA ILE A 26 3.84 1.19 4.68
C ILE A 26 3.71 -0.23 5.26
N LEU A 27 4.69 -1.09 4.97
CA LEU A 27 4.75 -2.48 5.42
C LEU A 27 5.09 -2.60 6.91
N ASP A 28 6.06 -1.83 7.40
CA ASP A 28 6.46 -1.78 8.82
C ASP A 28 5.32 -1.28 9.73
N ASP A 29 4.49 -0.33 9.26
CA ASP A 29 3.30 0.14 9.98
C ASP A 29 2.25 -0.99 10.20
N TRP A 30 2.16 -1.94 9.26
CA TRP A 30 1.35 -3.17 9.39
C TRP A 30 2.05 -4.29 10.19
N GLY A 31 3.36 -4.17 10.45
CA GLY A 31 4.20 -5.19 11.08
C GLY A 31 4.70 -6.28 10.11
N GLU A 32 4.76 -5.98 8.81
CA GLU A 32 5.01 -6.94 7.72
C GLU A 32 6.36 -6.69 7.01
N THR A 33 6.88 -7.72 6.32
CA THR A 33 8.21 -7.73 5.67
C THR A 33 8.30 -8.84 4.60
N CYS A 34 9.49 -9.06 4.04
CA CYS A 34 9.82 -10.12 3.09
C CYS A 34 11.10 -10.89 3.49
N LYS A 35 11.34 -12.06 2.87
CA LYS A 35 12.47 -12.95 3.18
C LYS A 35 13.86 -12.32 2.93
N GLY A 36 13.96 -11.47 1.90
CA GLY A 36 15.19 -10.74 1.54
C GLY A 36 15.08 -9.88 0.28
N CYS A 37 13.88 -9.39 -0.04
CA CYS A 37 13.59 -8.61 -1.25
C CYS A 37 14.29 -7.23 -1.26
N ALA A 38 14.71 -6.77 -2.44
CA ALA A 38 15.59 -5.60 -2.62
C ALA A 38 15.26 -4.76 -3.87
N GLU A 39 14.08 -4.93 -4.46
CA GLU A 39 13.65 -4.25 -5.69
C GLU A 39 12.25 -3.64 -5.50
N LYS A 40 12.10 -2.34 -5.80
CA LYS A 40 10.87 -1.56 -5.57
C LYS A 40 9.64 -2.17 -6.27
N SER A 41 9.86 -2.72 -7.46
CA SER A 41 8.85 -3.48 -8.25
C SER A 41 8.27 -4.69 -7.51
N ASP A 42 9.02 -5.30 -6.58
CA ASP A 42 8.55 -6.40 -5.74
C ASP A 42 7.95 -5.91 -4.40
N TYR A 43 8.44 -4.79 -3.85
CA TYR A 43 7.81 -4.12 -2.71
C TYR A 43 6.37 -3.63 -3.00
N ILE A 44 6.10 -3.19 -4.25
CA ILE A 44 4.73 -2.90 -4.72
C ILE A 44 3.83 -4.14 -4.57
N ARG A 45 4.34 -5.34 -4.88
CA ARG A 45 3.60 -6.60 -4.79
C ARG A 45 3.35 -7.00 -3.33
N LYS A 46 4.36 -6.85 -2.45
CA LYS A 46 4.21 -7.04 -0.99
C LYS A 46 3.12 -6.16 -0.38
N ILE A 47 2.95 -4.92 -0.85
CA ILE A 47 1.83 -4.05 -0.46
C ILE A 47 0.50 -4.55 -1.02
N ASN A 48 0.40 -4.75 -2.35
CA ASN A 48 -0.86 -5.14 -3.00
C ASN A 48 -1.39 -6.52 -2.57
N GLU A 49 -0.50 -7.43 -2.13
CA GLU A 49 -0.88 -8.74 -1.59
C GLU A 49 -1.51 -8.67 -0.18
N LEU A 50 -1.23 -7.61 0.59
CA LEU A 50 -1.54 -7.54 2.03
C LEU A 50 -2.46 -6.37 2.41
N MET A 51 -2.59 -5.33 1.58
CA MET A 51 -3.43 -4.15 1.82
C MET A 51 -4.89 -4.47 2.19
N PRO A 52 -5.58 -5.47 1.58
CA PRO A 52 -6.96 -5.83 1.96
C PRO A 52 -7.14 -6.21 3.44
N LYS A 53 -6.07 -6.68 4.10
CA LYS A 53 -6.04 -7.06 5.52
C LYS A 53 -5.96 -5.85 6.47
N TYR A 54 -5.49 -4.68 5.99
CA TYR A 54 -5.18 -3.51 6.82
C TYR A 54 -5.92 -2.22 6.41
N ALA A 55 -6.40 -2.13 5.16
CA ALA A 55 -7.13 -0.98 4.62
C ALA A 55 -8.30 -1.39 3.69
N PRO A 56 -9.25 -2.25 4.12
CA PRO A 56 -10.42 -2.65 3.33
C PRO A 56 -11.34 -1.48 2.95
N LYS A 57 -11.15 -0.30 3.59
CA LYS A 57 -11.74 1.00 3.24
C LYS A 57 -11.62 1.34 1.75
N ALA A 58 -10.49 0.98 1.13
CA ALA A 58 -10.17 1.34 -0.25
C ALA A 58 -9.25 0.37 -1.03
N ALA A 59 -8.70 -0.68 -0.38
CA ALA A 59 -7.85 -1.68 -1.02
C ALA A 59 -8.53 -2.46 -2.17
N SER A 60 -9.87 -2.54 -2.17
CA SER A 60 -10.69 -3.28 -3.17
C SER A 60 -11.95 -2.51 -3.62
N ALA A 61 -12.03 -1.21 -3.31
CA ALA A 61 -13.17 -0.35 -3.67
C ALA A 61 -13.19 0.05 -5.17
N ARG A 62 -14.34 0.58 -5.62
CA ARG A 62 -14.52 1.20 -6.96
C ARG A 62 -13.65 2.45 -7.12
N THR A 63 -13.12 2.68 -8.33
CA THR A 63 -12.20 3.79 -8.66
C THR A 63 -12.60 4.55 -9.94
N ASP A 64 -13.78 4.26 -10.51
CA ASP A 64 -14.29 4.89 -11.75
C ASP A 64 -14.65 6.38 -11.59
N LEU A 65 -14.93 6.83 -10.35
CA LEU A 65 -15.34 8.19 -9.98
C LEU A 65 -14.76 8.61 -8.61
N MET A 1 -24.86 9.08 7.80
CA MET A 1 -23.61 9.01 8.60
C MET A 1 -22.92 7.66 8.35
N GLY A 2 -21.65 7.68 7.94
CA GLY A 2 -20.84 6.48 7.69
C GLY A 2 -19.38 6.78 7.32
N LYS A 3 -18.61 5.73 7.02
CA LYS A 3 -17.17 5.80 6.66
C LYS A 3 -16.88 6.48 5.32
N TYR A 4 -17.87 6.54 4.41
CA TYR A 4 -17.73 7.13 3.07
C TYR A 4 -17.35 8.63 3.11
N ASP A 5 -16.57 9.06 2.12
CA ASP A 5 -16.21 10.46 1.85
C ASP A 5 -15.90 10.67 0.35
N LYS A 6 -15.83 11.93 -0.10
CA LYS A 6 -15.61 12.32 -1.51
C LYS A 6 -14.29 11.81 -2.14
N GLN A 7 -13.32 11.42 -1.30
CA GLN A 7 -12.02 10.89 -1.70
C GLN A 7 -11.50 9.86 -0.67
N ILE A 8 -10.70 8.91 -1.13
CA ILE A 8 -10.23 7.74 -0.41
C ILE A 8 -8.71 7.76 -0.15
N ASP A 9 -8.19 6.79 0.60
CA ASP A 9 -6.79 6.70 1.00
C ASP A 9 -6.25 5.25 0.94
N LEU A 10 -4.96 5.10 0.63
CA LEU A 10 -4.17 3.86 0.48
C LEU A 10 -4.62 2.92 -0.67
N SER A 11 -5.92 2.78 -0.90
CA SER A 11 -6.54 1.94 -1.96
C SER A 11 -6.04 2.24 -3.39
N THR A 12 -5.59 3.48 -3.63
CA THR A 12 -5.18 4.03 -4.94
C THR A 12 -3.87 4.84 -4.88
N VAL A 13 -3.07 4.68 -3.80
CA VAL A 13 -1.80 5.40 -3.59
C VAL A 13 -0.79 5.18 -4.74
N ASP A 14 -0.03 6.23 -5.08
CA ASP A 14 0.96 6.21 -6.17
C ASP A 14 2.28 5.54 -5.74
N LEU A 15 2.28 4.22 -5.58
CA LEU A 15 3.49 3.45 -5.22
C LEU A 15 4.69 3.75 -6.16
N LYS A 16 4.44 4.07 -7.44
CA LYS A 16 5.45 4.50 -8.42
C LYS A 16 6.14 5.81 -8.05
N LYS A 17 5.39 6.77 -7.49
CA LYS A 17 5.86 8.11 -7.07
C LYS A 17 6.62 8.08 -5.74
N LEU A 18 6.14 7.25 -4.80
CA LEU A 18 6.82 6.93 -3.54
C LEU A 18 8.19 6.25 -3.78
N ARG A 19 9.14 6.43 -2.86
CA ARG A 19 10.46 5.75 -2.86
C ARG A 19 10.39 4.39 -2.16
N VAL A 20 11.42 3.56 -2.30
CA VAL A 20 11.59 2.30 -1.54
C VAL A 20 11.42 2.55 -0.03
N LYS A 21 11.94 3.67 0.48
CA LYS A 21 11.78 4.12 1.88
C LYS A 21 10.32 4.22 2.31
N GLU A 22 9.47 4.81 1.47
CA GLU A 22 8.05 4.96 1.76
C GLU A 22 7.29 3.62 1.67
N LEU A 23 7.63 2.73 0.72
CA LEU A 23 7.02 1.40 0.66
C LEU A 23 7.39 0.57 1.90
N LYS A 24 8.66 0.58 2.31
CA LYS A 24 9.13 -0.01 3.58
C LYS A 24 8.39 0.56 4.80
N LYS A 25 8.09 1.86 4.82
CA LYS A 25 7.26 2.49 5.87
C LYS A 25 5.83 1.92 5.92
N ILE A 26 5.15 1.79 4.77
CA ILE A 26 3.77 1.23 4.72
C ILE A 26 3.75 -0.18 5.32
N LEU A 27 4.77 -0.97 4.99
CA LEU A 27 4.92 -2.35 5.46
C LEU A 27 5.27 -2.42 6.97
N ASP A 28 6.21 -1.58 7.43
CA ASP A 28 6.58 -1.47 8.85
C ASP A 28 5.42 -0.98 9.74
N ASP A 29 4.58 -0.08 9.24
CA ASP A 29 3.37 0.39 9.95
C ASP A 29 2.31 -0.72 10.14
N TRP A 30 2.18 -1.63 9.16
CA TRP A 30 1.38 -2.85 9.30
C TRP A 30 2.05 -3.91 10.20
N GLY A 31 3.37 -3.84 10.38
CA GLY A 31 4.18 -4.86 11.05
C GLY A 31 4.59 -6.03 10.14
N GLU A 32 4.53 -5.86 8.82
CA GLU A 32 4.87 -6.89 7.83
C GLU A 32 6.35 -6.91 7.43
N THR A 33 6.80 -8.04 6.87
CA THR A 33 8.19 -8.33 6.48
C THR A 33 8.26 -9.18 5.19
N CYS A 34 9.46 -9.46 4.67
CA CYS A 34 9.69 -10.30 3.50
C CYS A 34 10.84 -11.31 3.73
N LYS A 35 11.01 -12.26 2.81
CA LYS A 35 12.05 -13.32 2.85
C LYS A 35 13.03 -13.28 1.66
N GLY A 36 12.79 -12.42 0.66
CA GLY A 36 13.66 -12.26 -0.51
C GLY A 36 13.44 -10.98 -1.34
N CYS A 37 12.75 -9.96 -0.79
CA CYS A 37 12.57 -8.67 -1.47
C CYS A 37 13.88 -7.85 -1.47
N ALA A 38 14.25 -7.26 -2.61
CA ALA A 38 15.54 -6.58 -2.81
C ALA A 38 15.47 -5.36 -3.75
N GLU A 39 14.39 -5.20 -4.52
CA GLU A 39 14.17 -4.08 -5.45
C GLU A 39 12.76 -3.50 -5.29
N LYS A 40 12.54 -2.26 -5.75
CA LYS A 40 11.28 -1.50 -5.62
C LYS A 40 10.05 -2.29 -6.10
N SER A 41 10.19 -3.02 -7.20
CA SER A 41 9.14 -3.90 -7.76
C SER A 41 8.68 -5.01 -6.80
N ASP A 42 9.58 -5.55 -5.97
CA ASP A 42 9.23 -6.54 -4.94
C ASP A 42 8.39 -5.91 -3.82
N TYR A 43 8.72 -4.69 -3.39
CA TYR A 43 7.97 -3.96 -2.37
C TYR A 43 6.56 -3.60 -2.85
N ILE A 44 6.38 -3.24 -4.12
CA ILE A 44 5.04 -3.07 -4.74
C ILE A 44 4.21 -4.36 -4.61
N ARG A 45 4.77 -5.56 -4.87
CA ARG A 45 4.05 -6.83 -4.64
C ARG A 45 3.76 -7.07 -3.15
N LYS A 46 4.73 -6.91 -2.24
CA LYS A 46 4.50 -7.08 -0.79
C LYS A 46 3.34 -6.21 -0.27
N ILE A 47 3.17 -5.01 -0.81
CA ILE A 47 1.99 -4.16 -0.56
C ILE A 47 0.73 -4.72 -1.25
N ASN A 48 0.76 -4.96 -2.56
CA ASN A 48 -0.42 -5.43 -3.31
C ASN A 48 -0.98 -6.78 -2.81
N GLU A 49 -0.14 -7.63 -2.24
CA GLU A 49 -0.54 -8.92 -1.65
C GLU A 49 -1.18 -8.80 -0.26
N LEU A 50 -0.90 -7.73 0.50
CA LEU A 50 -1.24 -7.61 1.93
C LEU A 50 -2.07 -6.38 2.30
N MET A 51 -2.23 -5.40 1.41
CA MET A 51 -3.02 -4.18 1.62
C MET A 51 -4.45 -4.44 2.13
N PRO A 52 -5.24 -5.39 1.57
CA PRO A 52 -6.62 -5.60 2.02
C PRO A 52 -6.74 -6.18 3.44
N LYS A 53 -5.63 -6.66 4.03
CA LYS A 53 -5.54 -7.10 5.44
C LYS A 53 -5.45 -5.94 6.44
N TYR A 54 -5.13 -4.72 5.97
CA TYR A 54 -4.86 -3.55 6.85
C TYR A 54 -5.53 -2.23 6.43
N ALA A 55 -5.77 -2.00 5.13
CA ALA A 55 -6.33 -0.77 4.58
C ALA A 55 -7.71 -0.39 5.13
N PRO A 56 -8.02 0.92 5.16
CA PRO A 56 -9.18 1.49 5.85
C PRO A 56 -10.56 1.16 5.23
N LYS A 57 -10.62 0.79 3.95
CA LYS A 57 -11.88 0.43 3.25
C LYS A 57 -11.69 -0.62 2.17
N ALA A 58 -10.71 -0.43 1.30
CA ALA A 58 -10.43 -1.29 0.13
C ALA A 58 -8.95 -1.22 -0.30
N ALA A 59 -8.58 -2.04 -1.30
CA ALA A 59 -7.21 -2.15 -1.84
C ALA A 59 -7.17 -2.15 -3.38
N SER A 60 -8.30 -1.85 -4.05
CA SER A 60 -8.50 -2.02 -5.50
C SER A 60 -9.61 -1.11 -6.07
N ALA A 61 -9.77 0.09 -5.50
CA ALA A 61 -10.75 1.11 -5.92
C ALA A 61 -12.22 0.61 -5.98
N ARG A 62 -12.62 -0.27 -5.04
CA ARG A 62 -13.97 -0.89 -5.00
C ARG A 62 -15.14 0.09 -4.85
N THR A 63 -14.89 1.33 -4.43
CA THR A 63 -15.87 2.44 -4.44
C THR A 63 -16.34 2.83 -5.86
N ASP A 64 -15.60 2.43 -6.92
CA ASP A 64 -15.94 2.71 -8.33
C ASP A 64 -16.81 1.60 -8.98
N LEU A 65 -16.94 0.43 -8.34
CA LEU A 65 -17.71 -0.74 -8.81
C LEU A 65 -19.21 -0.43 -9.02
N MET A 1 -16.11 21.77 5.96
CA MET A 1 -15.15 22.08 7.05
C MET A 1 -14.95 20.84 7.94
N GLY A 2 -13.72 20.33 8.02
CA GLY A 2 -13.36 19.16 8.83
C GLY A 2 -11.95 18.60 8.54
N LYS A 3 -11.60 17.50 9.22
CA LYS A 3 -10.30 16.81 9.10
C LYS A 3 -10.44 15.26 9.03
N TYR A 4 -11.64 14.77 8.76
CA TYR A 4 -12.04 13.35 8.82
C TYR A 4 -13.04 12.96 7.71
N ASP A 5 -13.18 13.78 6.66
CA ASP A 5 -14.14 13.58 5.57
C ASP A 5 -13.72 12.48 4.56
N LYS A 6 -12.41 12.25 4.40
CA LYS A 6 -11.83 11.31 3.42
C LYS A 6 -11.14 10.09 4.04
N GLN A 7 -10.46 10.27 5.17
CA GLN A 7 -9.74 9.24 5.94
C GLN A 7 -8.78 8.37 5.11
N ILE A 8 -8.23 8.92 4.02
CA ILE A 8 -7.29 8.26 3.11
C ILE A 8 -5.95 7.92 3.80
N ASP A 9 -5.41 6.76 3.46
CA ASP A 9 -4.06 6.31 3.85
C ASP A 9 -3.29 5.65 2.68
N LEU A 10 -3.91 4.70 2.00
CA LEU A 10 -3.39 3.94 0.85
C LEU A 10 -4.42 3.85 -0.30
N SER A 11 -5.56 4.56 -0.20
CA SER A 11 -6.66 4.51 -1.17
C SER A 11 -6.28 5.04 -2.57
N THR A 12 -5.30 5.95 -2.63
CA THR A 12 -4.85 6.66 -3.86
C THR A 12 -3.32 6.82 -3.97
N VAL A 13 -2.56 6.17 -3.07
CA VAL A 13 -1.08 6.29 -2.98
C VAL A 13 -0.36 5.86 -4.26
N ASP A 14 0.66 6.63 -4.64
CA ASP A 14 1.45 6.54 -5.87
C ASP A 14 2.71 5.66 -5.72
N LEU A 15 2.51 4.37 -5.38
CA LEU A 15 3.56 3.39 -5.05
C LEU A 15 4.73 3.34 -6.04
N LYS A 16 4.46 3.51 -7.34
CA LYS A 16 5.47 3.53 -8.41
C LYS A 16 6.45 4.73 -8.34
N LYS A 17 6.11 5.79 -7.60
CA LYS A 17 6.91 7.02 -7.42
C LYS A 17 7.52 7.16 -6.02
N LEU A 18 7.01 6.44 -5.02
CA LEU A 18 7.61 6.31 -3.68
C LEU A 18 9.03 5.73 -3.76
N ARG A 19 9.88 6.08 -2.78
CA ARG A 19 11.20 5.46 -2.56
C ARG A 19 11.05 4.08 -1.93
N VAL A 20 12.08 3.24 -1.99
CA VAL A 20 12.14 1.95 -1.28
C VAL A 20 11.88 2.13 0.23
N LYS A 21 12.43 3.19 0.85
CA LYS A 21 12.17 3.55 2.25
C LYS A 21 10.69 3.81 2.54
N GLU A 22 10.02 4.53 1.64
CA GLU A 22 8.60 4.86 1.80
C GLU A 22 7.71 3.62 1.62
N LEU A 23 8.09 2.68 0.75
CA LEU A 23 7.40 1.39 0.61
C LEU A 23 7.65 0.47 1.81
N LYS A 24 8.89 0.39 2.33
CA LYS A 24 9.22 -0.30 3.59
C LYS A 24 8.40 0.21 4.79
N LYS A 25 8.16 1.53 4.88
CA LYS A 25 7.30 2.12 5.91
C LYS A 25 5.90 1.52 5.91
N ILE A 26 5.27 1.37 4.74
CA ILE A 26 3.90 0.83 4.62
C ILE A 26 3.82 -0.60 5.20
N LEU A 27 4.90 -1.39 5.03
CA LEU A 27 5.00 -2.73 5.62
C LEU A 27 5.17 -2.66 7.15
N ASP A 28 6.09 -1.82 7.63
CA ASP A 28 6.32 -1.61 9.08
C ASP A 28 5.07 -1.08 9.82
N ASP A 29 4.24 -0.28 9.14
CA ASP A 29 2.95 0.23 9.63
C ASP A 29 1.95 -0.90 9.98
N TRP A 30 2.02 -2.02 9.26
CA TRP A 30 1.24 -3.25 9.50
C TRP A 30 1.93 -4.24 10.46
N GLY A 31 3.16 -3.96 10.88
CA GLY A 31 4.01 -4.90 11.63
C GLY A 31 4.60 -6.02 10.75
N GLU A 32 4.83 -5.74 9.46
CA GLU A 32 5.27 -6.69 8.44
C GLU A 32 6.63 -6.30 7.81
N THR A 33 7.23 -7.21 7.06
CA THR A 33 8.43 -7.00 6.24
C THR A 33 8.45 -7.95 5.03
N CYS A 34 9.23 -7.61 4.00
CA CYS A 34 9.24 -8.35 2.73
C CYS A 34 9.89 -9.74 2.80
N LYS A 35 10.86 -9.94 3.72
CA LYS A 35 11.68 -11.16 3.94
C LYS A 35 12.54 -11.66 2.76
N GLY A 36 12.31 -11.21 1.52
CA GLY A 36 13.02 -11.68 0.32
C GLY A 36 12.96 -10.75 -0.90
N CYS A 37 12.76 -9.44 -0.68
CA CYS A 37 12.83 -8.43 -1.76
C CYS A 37 14.22 -8.34 -2.40
N ALA A 38 14.27 -8.01 -3.70
CA ALA A 38 15.50 -7.77 -4.46
C ALA A 38 15.41 -6.54 -5.38
N GLU A 39 14.20 -6.00 -5.63
CA GLU A 39 13.95 -4.80 -6.43
C GLU A 39 12.82 -3.96 -5.81
N LYS A 40 12.75 -2.68 -6.18
CA LYS A 40 11.69 -1.73 -5.75
C LYS A 40 10.28 -2.27 -5.96
N SER A 41 10.06 -2.94 -7.09
CA SER A 41 8.79 -3.57 -7.48
C SER A 41 8.35 -4.73 -6.57
N ASP A 42 9.26 -5.40 -5.85
CA ASP A 42 8.90 -6.46 -4.89
C ASP A 42 8.18 -5.89 -3.65
N TYR A 43 8.57 -4.69 -3.21
CA TYR A 43 7.87 -3.99 -2.12
C TYR A 43 6.44 -3.59 -2.54
N ILE A 44 6.27 -3.10 -3.78
CA ILE A 44 4.95 -2.84 -4.39
C ILE A 44 4.11 -4.12 -4.45
N ARG A 45 4.71 -5.27 -4.83
CA ARG A 45 4.04 -6.58 -4.87
C ARG A 45 3.56 -7.03 -3.49
N LYS A 46 4.38 -6.88 -2.43
CA LYS A 46 3.98 -7.14 -1.03
C LYS A 46 2.84 -6.22 -0.57
N ILE A 47 2.87 -4.95 -0.92
CA ILE A 47 1.75 -4.02 -0.64
C ILE A 47 0.47 -4.47 -1.34
N ASN A 48 0.53 -4.84 -2.62
CA ASN A 48 -0.63 -5.37 -3.35
C ASN A 48 -1.15 -6.71 -2.78
N GLU A 49 -0.33 -7.45 -2.02
CA GLU A 49 -0.70 -8.72 -1.37
C GLU A 49 -1.27 -8.51 0.04
N LEU A 50 -0.83 -7.47 0.76
CA LEU A 50 -1.12 -7.27 2.19
C LEU A 50 -1.99 -6.04 2.49
N MET A 51 -2.20 -5.11 1.55
CA MET A 51 -3.18 -4.03 1.64
C MET A 51 -4.62 -4.54 1.89
N PRO A 52 -5.13 -5.61 1.21
CA PRO A 52 -6.45 -6.17 1.55
C PRO A 52 -6.50 -6.86 2.93
N LYS A 53 -5.35 -7.25 3.50
CA LYS A 53 -5.22 -7.86 4.82
C LYS A 53 -5.40 -6.83 5.96
N TYR A 54 -4.96 -5.58 5.76
CA TYR A 54 -4.86 -4.57 6.83
C TYR A 54 -5.49 -3.19 6.53
N ALA A 55 -5.73 -2.86 5.27
CA ALA A 55 -6.19 -1.53 4.79
C ALA A 55 -7.03 -1.65 3.49
N PRO A 56 -8.17 -2.38 3.49
CA PRO A 56 -8.93 -2.76 2.28
C PRO A 56 -9.68 -1.62 1.55
N LYS A 57 -9.45 -0.34 1.90
CA LYS A 57 -10.11 0.87 1.34
C LYS A 57 -10.14 0.96 -0.19
N ALA A 58 -9.19 0.32 -0.86
CA ALA A 58 -9.09 0.29 -2.33
C ALA A 58 -8.61 -1.09 -2.86
N ALA A 59 -8.87 -2.16 -2.10
CA ALA A 59 -8.44 -3.54 -2.39
C ALA A 59 -9.56 -4.58 -2.12
N SER A 60 -10.82 -4.15 -2.01
CA SER A 60 -12.02 -5.00 -1.86
C SER A 60 -13.29 -4.27 -2.33
N ALA A 61 -14.34 -5.03 -2.65
CA ALA A 61 -15.65 -4.54 -3.11
C ALA A 61 -16.79 -5.51 -2.73
N ARG A 62 -18.05 -5.05 -2.81
CA ARG A 62 -19.26 -5.80 -2.42
C ARG A 62 -19.47 -7.12 -3.17
N THR A 63 -18.84 -7.30 -4.33
CA THR A 63 -18.79 -8.56 -5.11
C THR A 63 -17.97 -9.67 -4.43
N ASP A 64 -17.17 -9.35 -3.40
CA ASP A 64 -16.24 -10.28 -2.73
C ASP A 64 -16.10 -10.07 -1.20
N LEU A 65 -16.82 -9.10 -0.63
CA LEU A 65 -16.79 -8.71 0.80
C LEU A 65 -18.21 -8.44 1.34
N MET A 1 -20.35 22.97 -3.86
CA MET A 1 -20.35 21.54 -3.44
C MET A 1 -19.12 21.23 -2.56
N GLY A 2 -19.32 20.47 -1.48
CA GLY A 2 -18.26 20.04 -0.54
C GLY A 2 -18.45 18.65 0.08
N LYS A 3 -19.31 17.80 -0.52
CA LYS A 3 -19.67 16.46 -0.01
C LYS A 3 -18.56 15.40 -0.14
N TYR A 4 -17.61 15.61 -1.04
CA TYR A 4 -16.45 14.75 -1.28
C TYR A 4 -15.45 14.73 -0.10
N ASP A 5 -14.61 13.68 -0.05
CA ASP A 5 -13.54 13.56 0.95
C ASP A 5 -12.47 14.65 0.76
N LYS A 6 -12.05 15.30 1.85
CA LYS A 6 -11.09 16.42 1.84
C LYS A 6 -9.63 15.97 1.64
N GLN A 7 -9.31 14.72 1.99
CA GLN A 7 -8.01 14.06 1.79
C GLN A 7 -8.13 12.53 1.76
N ILE A 8 -7.09 11.85 1.26
CA ILE A 8 -6.95 10.38 1.30
C ILE A 8 -5.45 9.98 1.33
N ASP A 9 -5.14 8.83 1.92
CA ASP A 9 -3.78 8.28 2.06
C ASP A 9 -3.77 6.75 2.13
N LEU A 10 -2.69 6.13 1.63
CA LEU A 10 -2.42 4.68 1.51
C LEU A 10 -3.36 3.93 0.55
N SER A 11 -4.67 4.15 0.65
CA SER A 11 -5.72 3.44 -0.10
C SER A 11 -5.68 3.66 -1.63
N THR A 12 -4.99 4.70 -2.11
CA THR A 12 -4.81 5.04 -3.53
C THR A 12 -3.44 5.66 -3.83
N VAL A 13 -2.45 5.49 -2.94
CA VAL A 13 -1.13 6.13 -3.00
C VAL A 13 -0.33 5.70 -4.25
N ASP A 14 0.53 6.59 -4.76
CA ASP A 14 1.39 6.38 -5.93
C ASP A 14 2.62 5.50 -5.61
N LEU A 15 2.39 4.20 -5.33
CA LEU A 15 3.45 3.23 -4.97
C LEU A 15 4.64 3.20 -5.95
N LYS A 16 4.39 3.45 -7.25
CA LYS A 16 5.42 3.60 -8.30
C LYS A 16 6.34 4.82 -8.14
N LYS A 17 5.86 5.88 -7.47
CA LYS A 17 6.53 7.17 -7.25
C LYS A 17 7.22 7.26 -5.88
N LEU A 18 6.69 6.56 -4.87
CA LEU A 18 7.32 6.36 -3.56
C LEU A 18 8.72 5.71 -3.69
N ARG A 19 9.60 5.99 -2.71
CA ARG A 19 10.93 5.36 -2.59
C ARG A 19 10.83 3.98 -1.91
N VAL A 20 11.88 3.15 -2.00
CA VAL A 20 11.98 1.86 -1.28
C VAL A 20 11.75 2.03 0.23
N LYS A 21 12.29 3.09 0.82
CA LYS A 21 12.05 3.51 2.21
C LYS A 21 10.56 3.68 2.51
N GLU A 22 9.85 4.42 1.66
CA GLU A 22 8.43 4.71 1.85
C GLU A 22 7.55 3.45 1.69
N LEU A 23 7.93 2.53 0.80
CA LEU A 23 7.26 1.22 0.68
C LEU A 23 7.51 0.33 1.92
N LYS A 24 8.77 0.23 2.36
CA LYS A 24 9.15 -0.41 3.65
C LYS A 24 8.40 0.15 4.85
N LYS A 25 8.10 1.47 4.88
CA LYS A 25 7.27 2.11 5.92
C LYS A 25 5.83 1.57 5.92
N ILE A 26 5.17 1.48 4.76
CA ILE A 26 3.79 0.97 4.65
C ILE A 26 3.71 -0.47 5.20
N LEU A 27 4.73 -1.26 4.90
CA LEU A 27 4.89 -2.64 5.36
C LEU A 27 5.15 -2.73 6.88
N ASP A 28 6.12 -1.96 7.39
CA ASP A 28 6.48 -1.90 8.82
C ASP A 28 5.32 -1.42 9.72
N ASP A 29 4.47 -0.52 9.22
CA ASP A 29 3.26 -0.08 9.93
C ASP A 29 2.24 -1.20 10.18
N TRP A 30 2.12 -2.17 9.26
CA TRP A 30 1.33 -3.39 9.44
C TRP A 30 2.06 -4.44 10.30
N GLY A 31 3.40 -4.49 10.20
CA GLY A 31 4.29 -5.45 10.88
C GLY A 31 5.14 -6.31 9.92
N GLU A 32 5.00 -6.12 8.61
CA GLU A 32 5.79 -6.80 7.57
C GLU A 32 7.23 -6.28 7.48
N THR A 33 8.15 -7.14 7.03
CA THR A 33 9.59 -6.85 6.87
C THR A 33 10.16 -7.26 5.51
N CYS A 34 9.39 -7.99 4.69
CA CYS A 34 9.76 -8.59 3.40
C CYS A 34 11.24 -9.05 3.29
N LYS A 35 11.61 -10.06 4.09
CA LYS A 35 12.96 -10.67 4.08
C LYS A 35 13.43 -11.19 2.72
N GLY A 36 12.49 -11.47 1.80
CA GLY A 36 12.75 -11.93 0.43
C GLY A 36 12.72 -10.82 -0.64
N CYS A 37 12.32 -9.58 -0.32
CA CYS A 37 12.35 -8.46 -1.27
C CYS A 37 13.79 -8.10 -1.68
N ALA A 38 13.99 -7.86 -2.98
CA ALA A 38 15.29 -7.51 -3.57
C ALA A 38 15.21 -6.44 -4.69
N GLU A 39 14.01 -5.97 -5.03
CA GLU A 39 13.75 -4.93 -6.04
C GLU A 39 12.56 -4.06 -5.61
N LYS A 40 12.55 -2.79 -6.03
CA LYS A 40 11.51 -1.79 -5.69
C LYS A 40 10.09 -2.31 -6.00
N SER A 41 9.92 -2.89 -7.18
CA SER A 41 8.65 -3.49 -7.65
C SER A 41 8.16 -4.68 -6.81
N ASP A 42 9.05 -5.39 -6.10
CA ASP A 42 8.66 -6.51 -5.22
C ASP A 42 8.08 -6.01 -3.88
N TYR A 43 8.51 -4.84 -3.39
CA TYR A 43 7.85 -4.18 -2.26
C TYR A 43 6.45 -3.69 -2.63
N ILE A 44 6.27 -3.15 -3.85
CA ILE A 44 4.94 -2.81 -4.42
C ILE A 44 4.05 -4.05 -4.47
N ARG A 45 4.60 -5.21 -4.90
CA ARG A 45 3.87 -6.49 -4.93
C ARG A 45 3.44 -6.95 -3.53
N LYS A 46 4.34 -6.93 -2.54
CA LYS A 46 4.04 -7.26 -1.13
C LYS A 46 2.94 -6.36 -0.53
N ILE A 47 2.91 -5.07 -0.91
CA ILE A 47 1.82 -4.15 -0.55
C ILE A 47 0.52 -4.51 -1.27
N ASN A 48 0.51 -4.69 -2.59
CA ASN A 48 -0.69 -5.06 -3.35
C ASN A 48 -1.31 -6.39 -2.88
N GLU A 49 -0.48 -7.32 -2.41
CA GLU A 49 -0.89 -8.63 -1.89
C GLU A 49 -1.55 -8.54 -0.50
N LEU A 50 -1.18 -7.55 0.33
CA LEU A 50 -1.53 -7.49 1.76
C LEU A 50 -2.29 -6.22 2.19
N MET A 51 -2.40 -5.19 1.35
CA MET A 51 -3.23 -4.00 1.60
C MET A 51 -4.70 -4.35 1.90
N PRO A 52 -5.36 -5.34 1.23
CA PRO A 52 -6.71 -5.81 1.58
C PRO A 52 -6.84 -6.36 3.01
N LYS A 53 -5.72 -6.78 3.63
CA LYS A 53 -5.64 -7.37 4.99
C LYS A 53 -5.65 -6.27 6.09
N TYR A 54 -5.14 -5.07 5.78
CA TYR A 54 -4.88 -4.01 6.77
C TYR A 54 -5.50 -2.63 6.42
N ALA A 55 -6.08 -2.50 5.22
CA ALA A 55 -6.74 -1.34 4.66
C ALA A 55 -7.94 -1.82 3.82
N PRO A 56 -8.69 -0.94 3.13
CA PRO A 56 -9.82 -1.28 2.29
C PRO A 56 -9.55 -2.31 1.18
N LYS A 57 -10.64 -2.92 0.72
CA LYS A 57 -10.72 -3.84 -0.41
C LYS A 57 -10.36 -3.20 -1.77
N ALA A 58 -10.24 -4.04 -2.80
CA ALA A 58 -9.91 -3.66 -4.18
C ALA A 58 -8.58 -2.87 -4.30
N ALA A 59 -7.56 -3.27 -3.54
CA ALA A 59 -6.20 -2.74 -3.62
C ALA A 59 -5.55 -2.93 -5.02
N SER A 60 -6.02 -3.94 -5.77
CA SER A 60 -5.72 -4.17 -7.19
C SER A 60 -7.00 -4.61 -7.93
N ALA A 61 -6.94 -4.78 -9.26
CA ALA A 61 -8.09 -5.09 -10.10
C ALA A 61 -8.80 -6.44 -9.81
N ARG A 62 -8.18 -7.34 -9.04
CA ARG A 62 -8.72 -8.69 -8.72
C ARG A 62 -8.41 -9.23 -7.32
N THR A 63 -8.08 -8.38 -6.34
CA THR A 63 -7.87 -8.81 -4.93
C THR A 63 -9.12 -9.35 -4.24
N ASP A 64 -10.31 -8.98 -4.74
CA ASP A 64 -11.61 -9.21 -4.09
C ASP A 64 -12.71 -9.61 -5.12
N LEU A 65 -12.31 -10.25 -6.23
CA LEU A 65 -13.16 -10.69 -7.35
C LEU A 65 -14.38 -11.56 -6.94
N MET A 1 -8.28 19.48 -12.28
CA MET A 1 -7.40 19.67 -11.08
C MET A 1 -6.88 21.11 -10.99
N GLY A 2 -6.73 21.65 -9.77
CA GLY A 2 -6.24 23.03 -9.53
C GLY A 2 -5.79 23.34 -8.10
N LYS A 3 -5.52 22.32 -7.26
CA LYS A 3 -5.11 22.44 -5.85
C LYS A 3 -4.10 21.35 -5.45
N TYR A 4 -3.35 21.59 -4.36
CA TYR A 4 -2.30 20.69 -3.85
C TYR A 4 -2.21 20.65 -2.31
N ASP A 5 -3.11 21.34 -1.59
CA ASP A 5 -3.13 21.46 -0.13
C ASP A 5 -3.59 20.19 0.64
N LYS A 6 -4.07 19.16 -0.09
CA LYS A 6 -4.63 17.91 0.45
C LYS A 6 -4.30 16.71 -0.45
N GLN A 7 -4.31 15.51 0.14
CA GLN A 7 -3.99 14.22 -0.52
C GLN A 7 -4.92 13.07 -0.05
N ILE A 8 -4.58 11.83 -0.40
CA ILE A 8 -5.24 10.60 0.03
C ILE A 8 -4.22 9.62 0.68
N ASP A 9 -4.74 8.66 1.44
CA ASP A 9 -3.99 7.58 2.10
C ASP A 9 -3.36 6.56 1.12
N LEU A 10 -2.57 5.62 1.66
CA LEU A 10 -1.92 4.51 0.95
C LEU A 10 -2.86 3.63 0.09
N SER A 11 -4.17 3.65 0.34
CA SER A 11 -5.18 2.83 -0.34
C SER A 11 -5.21 2.98 -1.86
N THR A 12 -4.80 4.13 -2.40
CA THR A 12 -4.71 4.42 -3.85
C THR A 12 -3.49 5.28 -4.23
N VAL A 13 -2.47 5.35 -3.37
CA VAL A 13 -1.23 6.13 -3.60
C VAL A 13 -0.45 5.62 -4.82
N ASP A 14 0.35 6.49 -5.44
CA ASP A 14 1.20 6.19 -6.61
C ASP A 14 2.44 5.35 -6.24
N LEU A 15 2.25 4.08 -5.86
CA LEU A 15 3.31 3.13 -5.49
C LEU A 15 4.46 3.04 -6.53
N LYS A 16 4.14 3.22 -7.81
CA LYS A 16 5.10 3.29 -8.93
C LYS A 16 6.10 4.46 -8.81
N LYS A 17 5.72 5.55 -8.14
CA LYS A 17 6.46 6.82 -8.06
C LYS A 17 7.08 7.09 -6.67
N LEU A 18 6.56 6.44 -5.62
CA LEU A 18 7.16 6.41 -4.28
C LEU A 18 8.60 5.86 -4.30
N ARG A 19 9.45 6.36 -3.39
CA ARG A 19 10.82 5.82 -3.14
C ARG A 19 10.74 4.44 -2.49
N VAL A 20 11.85 3.69 -2.50
CA VAL A 20 12.01 2.43 -1.74
C VAL A 20 11.69 2.65 -0.24
N LYS A 21 12.17 3.76 0.34
CA LYS A 21 11.88 4.16 1.73
C LYS A 21 10.39 4.35 2.01
N GLU A 22 9.66 4.97 1.06
CA GLU A 22 8.22 5.21 1.18
C GLU A 22 7.37 3.95 0.93
N LEU A 23 7.91 2.93 0.28
CA LEU A 23 7.29 1.61 0.17
C LEU A 23 7.54 0.76 1.43
N LYS A 24 8.80 0.68 1.91
CA LYS A 24 9.16 -0.01 3.16
C LYS A 24 8.32 0.43 4.38
N LYS A 25 8.04 1.73 4.54
CA LYS A 25 7.24 2.23 5.68
C LYS A 25 5.78 1.77 5.71
N ILE A 26 5.18 1.49 4.54
CA ILE A 26 3.82 0.92 4.44
C ILE A 26 3.79 -0.48 5.07
N LEU A 27 4.91 -1.21 4.98
CA LEU A 27 5.06 -2.55 5.57
C LEU A 27 5.40 -2.48 7.06
N ASP A 28 6.30 -1.56 7.45
CA ASP A 28 6.66 -1.31 8.85
C ASP A 28 5.45 -0.89 9.71
N ASP A 29 4.52 -0.10 9.15
CA ASP A 29 3.27 0.28 9.82
C ASP A 29 2.35 -0.93 10.12
N TRP A 30 2.35 -1.96 9.28
CA TRP A 30 1.67 -3.24 9.50
C TRP A 30 2.49 -4.24 10.35
N GLY A 31 3.76 -3.92 10.66
CA GLY A 31 4.71 -4.81 11.32
C GLY A 31 5.17 -5.99 10.43
N GLU A 32 5.07 -5.85 9.12
CA GLU A 32 5.34 -6.92 8.13
C GLU A 32 6.78 -6.91 7.59
N THR A 33 7.25 -8.09 7.19
CA THR A 33 8.61 -8.38 6.70
C THR A 33 8.60 -9.44 5.59
N CYS A 34 9.75 -9.68 4.94
CA CYS A 34 9.91 -10.68 3.88
C CYS A 34 11.35 -11.26 3.82
N LYS A 35 11.53 -12.32 3.02
CA LYS A 35 12.81 -13.04 2.82
C LYS A 35 13.33 -12.98 1.36
N GLY A 36 12.62 -12.26 0.48
CA GLY A 36 12.92 -12.18 -0.96
C GLY A 36 12.17 -11.07 -1.71
N CYS A 37 11.96 -9.92 -1.07
CA CYS A 37 11.23 -8.78 -1.65
C CYS A 37 11.98 -7.43 -1.56
N ALA A 38 13.28 -7.47 -1.26
CA ALA A 38 14.16 -6.35 -0.92
C ALA A 38 14.48 -5.33 -2.05
N GLU A 39 13.63 -5.22 -3.06
CA GLU A 39 13.77 -4.34 -4.24
C GLU A 39 12.46 -3.61 -4.55
N LYS A 40 12.54 -2.42 -5.15
CA LYS A 40 11.43 -1.46 -5.36
C LYS A 40 10.13 -2.13 -5.83
N SER A 41 10.19 -2.80 -6.98
CA SER A 41 9.04 -3.45 -7.63
C SER A 41 8.48 -4.64 -6.83
N ASP A 42 9.31 -5.33 -6.05
CA ASP A 42 8.84 -6.39 -5.14
C ASP A 42 8.27 -5.85 -3.81
N TYR A 43 8.64 -4.64 -3.38
CA TYR A 43 7.94 -3.97 -2.28
C TYR A 43 6.52 -3.55 -2.71
N ILE A 44 6.34 -3.05 -3.95
CA ILE A 44 5.00 -2.81 -4.54
C ILE A 44 4.17 -4.11 -4.55
N ARG A 45 4.78 -5.23 -4.95
CA ARG A 45 4.16 -6.57 -4.97
C ARG A 45 3.71 -7.02 -3.57
N LYS A 46 4.59 -6.89 -2.56
CA LYS A 46 4.29 -7.19 -1.14
C LYS A 46 3.20 -6.27 -0.57
N ILE A 47 3.18 -5.00 -0.95
CA ILE A 47 2.08 -4.08 -0.59
C ILE A 47 0.76 -4.53 -1.21
N ASN A 48 0.71 -4.80 -2.53
CA ASN A 48 -0.51 -5.29 -3.19
C ASN A 48 -0.99 -6.66 -2.64
N GLU A 49 -0.08 -7.46 -2.08
CA GLU A 49 -0.38 -8.74 -1.43
C GLU A 49 -1.01 -8.57 -0.04
N LEU A 50 -0.68 -7.50 0.70
CA LEU A 50 -1.01 -7.33 2.13
C LEU A 50 -1.87 -6.08 2.44
N MET A 51 -2.10 -5.18 1.49
CA MET A 51 -2.97 -4.02 1.64
C MET A 51 -4.43 -4.41 1.97
N PRO A 52 -5.11 -5.34 1.25
CA PRO A 52 -6.52 -5.64 1.53
C PRO A 52 -6.72 -6.41 2.86
N LYS A 53 -5.66 -7.01 3.41
CA LYS A 53 -5.59 -7.64 4.73
C LYS A 53 -5.61 -6.62 5.90
N TYR A 54 -5.22 -5.36 5.68
CA TYR A 54 -5.06 -4.36 6.76
C TYR A 54 -5.73 -2.98 6.52
N ALA A 55 -5.90 -2.55 5.27
CA ALA A 55 -6.64 -1.37 4.88
C ALA A 55 -8.16 -1.49 5.22
N PRO A 56 -8.84 -0.35 5.37
CA PRO A 56 -10.28 -0.24 5.66
C PRO A 56 -11.19 -0.55 4.45
N LYS A 57 -10.59 -0.79 3.26
CA LYS A 57 -11.24 -1.18 2.00
C LYS A 57 -10.37 -2.19 1.25
N ALA A 58 -10.92 -2.82 0.20
CA ALA A 58 -10.24 -3.79 -0.67
C ALA A 58 -9.19 -3.14 -1.60
N ALA A 59 -8.08 -2.66 -1.02
CA ALA A 59 -6.97 -1.98 -1.70
C ALA A 59 -7.43 -0.88 -2.71
N SER A 60 -8.45 -0.13 -2.33
CA SER A 60 -9.18 0.84 -3.16
C SER A 60 -9.71 2.01 -2.31
N ALA A 61 -10.11 3.13 -2.94
CA ALA A 61 -10.74 4.26 -2.25
C ALA A 61 -12.18 3.96 -1.77
N ARG A 62 -12.88 3.07 -2.47
CA ARG A 62 -14.23 2.55 -2.15
C ARG A 62 -14.46 1.15 -2.74
N THR A 63 -15.61 0.55 -2.45
CA THR A 63 -15.99 -0.82 -2.88
C THR A 63 -17.42 -0.93 -3.41
N ASP A 64 -18.11 0.20 -3.65
CA ASP A 64 -19.51 0.26 -4.07
C ASP A 64 -19.78 -0.25 -5.51
N LEU A 65 -18.74 -0.26 -6.38
CA LEU A 65 -18.80 -0.68 -7.79
C LEU A 65 -17.46 -1.27 -8.26
N MET A 1 -13.55 13.36 -11.59
CA MET A 1 -13.69 13.71 -10.15
C MET A 1 -14.62 12.70 -9.45
N GLY A 2 -14.29 12.33 -8.20
CA GLY A 2 -15.11 11.40 -7.40
C GLY A 2 -14.58 11.17 -5.98
N LYS A 3 -15.22 10.22 -5.27
CA LYS A 3 -14.94 9.85 -3.86
C LYS A 3 -13.47 9.50 -3.59
N TYR A 4 -12.79 8.95 -4.61
CA TYR A 4 -11.34 8.63 -4.61
C TYR A 4 -10.41 9.85 -4.42
N ASP A 5 -10.93 11.08 -4.55
CA ASP A 5 -10.19 12.33 -4.28
C ASP A 5 -10.78 13.11 -3.08
N LYS A 6 -12.09 13.00 -2.81
CA LYS A 6 -12.74 13.50 -1.58
C LYS A 6 -12.16 12.85 -0.31
N GLN A 7 -11.78 11.57 -0.41
CA GLN A 7 -11.12 10.78 0.63
C GLN A 7 -10.03 9.89 0.00
N ILE A 8 -8.94 9.62 0.73
CA ILE A 8 -7.79 8.85 0.23
C ILE A 8 -6.97 8.23 1.38
N ASP A 9 -6.34 7.08 1.13
CA ASP A 9 -5.34 6.47 2.03
C ASP A 9 -4.33 5.61 1.23
N LEU A 10 -4.82 4.60 0.50
CA LEU A 10 -4.05 3.71 -0.40
C LEU A 10 -4.82 3.38 -1.70
N SER A 11 -5.95 4.04 -1.98
CA SER A 11 -6.86 3.73 -3.09
C SER A 11 -6.27 4.02 -4.48
N THR A 12 -5.47 5.09 -4.59
CA THR A 12 -4.92 5.62 -5.85
C THR A 12 -3.43 5.98 -5.77
N VAL A 13 -2.76 5.61 -4.67
CA VAL A 13 -1.31 5.79 -4.44
C VAL A 13 -0.49 5.11 -5.55
N ASP A 14 0.51 5.82 -6.10
CA ASP A 14 1.23 5.40 -7.31
C ASP A 14 2.27 4.29 -7.09
N LEU A 15 2.85 4.22 -5.89
CA LEU A 15 3.91 3.36 -5.33
C LEU A 15 5.25 3.29 -6.10
N LYS A 16 5.21 3.47 -7.43
CA LYS A 16 6.39 3.59 -8.31
C LYS A 16 7.07 4.97 -8.19
N LYS A 17 6.29 6.01 -7.91
CA LYS A 17 6.69 7.43 -7.80
C LYS A 17 7.60 7.72 -6.59
N LEU A 18 7.38 7.02 -5.47
CA LEU A 18 8.12 7.21 -4.21
C LEU A 18 9.42 6.38 -4.18
N ARG A 19 10.27 6.61 -3.17
CA ARG A 19 11.45 5.78 -2.86
C ARG A 19 11.05 4.45 -2.19
N VAL A 20 11.96 3.47 -2.16
CA VAL A 20 11.75 2.17 -1.45
C VAL A 20 11.47 2.36 0.04
N LYS A 21 12.06 3.39 0.68
CA LYS A 21 11.81 3.75 2.09
C LYS A 21 10.33 4.02 2.39
N GLU A 22 9.63 4.67 1.46
CA GLU A 22 8.19 4.96 1.56
C GLU A 22 7.30 3.73 1.33
N LEU A 23 7.87 2.65 0.78
CA LEU A 23 7.21 1.34 0.68
C LEU A 23 7.46 0.51 1.95
N LYS A 24 8.71 0.43 2.42
CA LYS A 24 9.09 -0.25 3.67
C LYS A 24 8.31 0.24 4.90
N LYS A 25 8.04 1.55 5.01
CA LYS A 25 7.27 2.11 6.13
C LYS A 25 5.81 1.65 6.18
N ILE A 26 5.17 1.41 5.03
CA ILE A 26 3.82 0.85 4.94
C ILE A 26 3.82 -0.57 5.51
N LEU A 27 4.91 -1.31 5.30
CA LEU A 27 5.07 -2.67 5.83
C LEU A 27 5.28 -2.63 7.36
N ASP A 28 6.19 -1.77 7.83
CA ASP A 28 6.49 -1.59 9.25
C ASP A 28 5.28 -1.14 10.08
N ASP A 29 4.44 -0.24 9.55
CA ASP A 29 3.19 0.21 10.20
C ASP A 29 2.15 -0.92 10.38
N TRP A 30 2.09 -1.86 9.43
CA TRP A 30 1.27 -3.08 9.54
C TRP A 30 1.86 -4.15 10.47
N GLY A 31 3.14 -4.03 10.88
CA GLY A 31 3.87 -5.08 11.58
C GLY A 31 4.35 -6.22 10.66
N GLU A 32 4.67 -5.89 9.41
CA GLU A 32 5.04 -6.81 8.32
C GLU A 32 6.44 -6.47 7.76
N THR A 33 7.01 -7.39 6.96
CA THR A 33 8.35 -7.25 6.35
C THR A 33 8.42 -7.87 4.96
N CYS A 34 9.45 -7.50 4.17
CA CYS A 34 9.65 -7.94 2.80
C CYS A 34 10.68 -9.10 2.74
N LYS A 35 10.25 -10.28 3.22
CA LYS A 35 11.09 -11.48 3.47
C LYS A 35 11.86 -12.03 2.26
N GLY A 36 11.44 -11.72 1.04
CA GLY A 36 12.01 -12.25 -0.22
C GLY A 36 12.14 -11.17 -1.31
N CYS A 37 12.68 -10.01 -0.94
CA CYS A 37 12.69 -8.79 -1.75
C CYS A 37 14.12 -8.25 -1.97
N ALA A 38 14.39 -7.76 -3.19
CA ALA A 38 15.70 -7.23 -3.60
C ALA A 38 15.61 -6.06 -4.63
N GLU A 39 14.45 -5.80 -5.21
CA GLU A 39 14.21 -4.75 -6.22
C GLU A 39 12.91 -3.97 -5.91
N LYS A 40 12.77 -2.77 -6.50
CA LYS A 40 11.66 -1.83 -6.27
C LYS A 40 10.29 -2.51 -6.37
N SER A 41 10.06 -3.29 -7.42
CA SER A 41 8.77 -3.95 -7.67
C SER A 41 8.42 -5.04 -6.65
N ASP A 42 9.39 -5.63 -5.93
CA ASP A 42 9.10 -6.60 -4.86
C ASP A 42 8.32 -5.96 -3.71
N TYR A 43 8.70 -4.74 -3.30
CA TYR A 43 8.02 -4.00 -2.24
C TYR A 43 6.60 -3.56 -2.67
N ILE A 44 6.43 -3.13 -3.92
CA ILE A 44 5.11 -2.81 -4.49
C ILE A 44 4.21 -4.05 -4.54
N ARG A 45 4.75 -5.21 -4.95
CA ARG A 45 4.03 -6.50 -4.92
C ARG A 45 3.72 -6.98 -3.50
N LYS A 46 4.60 -6.77 -2.52
CA LYS A 46 4.35 -7.06 -1.10
C LYS A 46 3.25 -6.19 -0.50
N ILE A 47 3.17 -4.91 -0.89
CA ILE A 47 2.04 -4.04 -0.55
C ILE A 47 0.75 -4.56 -1.20
N ASN A 48 0.75 -4.88 -2.49
CA ASN A 48 -0.43 -5.45 -3.17
C ASN A 48 -0.85 -6.83 -2.58
N GLU A 49 0.08 -7.58 -1.98
CA GLU A 49 -0.18 -8.85 -1.32
C GLU A 49 -0.87 -8.69 0.06
N LEU A 50 -0.56 -7.61 0.80
CA LEU A 50 -0.98 -7.45 2.20
C LEU A 50 -1.92 -6.25 2.45
N MET A 51 -2.06 -5.31 1.52
CA MET A 51 -3.01 -4.19 1.61
C MET A 51 -4.45 -4.65 1.93
N PRO A 52 -5.03 -5.66 1.25
CA PRO A 52 -6.37 -6.17 1.59
C PRO A 52 -6.45 -6.90 2.95
N LYS A 53 -5.32 -7.15 3.64
CA LYS A 53 -5.28 -7.65 5.02
C LYS A 53 -5.41 -6.52 6.06
N TYR A 54 -5.01 -5.30 5.71
CA TYR A 54 -4.91 -4.16 6.65
C TYR A 54 -5.77 -2.93 6.27
N ALA A 55 -6.37 -2.95 5.07
CA ALA A 55 -7.25 -1.95 4.47
C ALA A 55 -8.45 -2.69 3.83
N PRO A 56 -9.62 -2.05 3.71
CA PRO A 56 -10.89 -2.67 3.33
C PRO A 56 -10.95 -3.20 1.89
N LYS A 57 -12.04 -3.93 1.64
CA LYS A 57 -12.38 -4.56 0.35
C LYS A 57 -12.40 -3.59 -0.83
N ALA A 58 -12.22 -4.15 -2.03
CA ALA A 58 -12.00 -3.41 -3.28
C ALA A 58 -10.91 -2.32 -3.12
N ALA A 59 -9.73 -2.73 -2.64
CA ALA A 59 -8.63 -1.85 -2.20
C ALA A 59 -8.11 -0.87 -3.28
N SER A 60 -8.31 -1.16 -4.58
CA SER A 60 -8.06 -0.28 -5.72
C SER A 60 -9.08 0.88 -5.89
N ALA A 61 -10.06 0.97 -5.00
CA ALA A 61 -11.17 1.92 -4.98
C ALA A 61 -11.59 2.26 -3.53
N ARG A 62 -12.80 2.82 -3.34
CA ARG A 62 -13.39 3.15 -2.03
C ARG A 62 -14.84 2.63 -1.89
N THR A 63 -15.14 1.51 -2.53
CA THR A 63 -16.46 0.87 -2.60
C THR A 63 -17.06 0.54 -1.22
N ASP A 64 -16.22 0.28 -0.22
CA ASP A 64 -16.63 0.00 1.17
C ASP A 64 -17.20 1.23 1.92
N LEU A 65 -16.85 2.46 1.50
CA LEU A 65 -17.20 3.73 2.14
C LEU A 65 -18.64 4.18 1.80
N MET A 1 -21.08 -3.56 7.27
CA MET A 1 -19.67 -3.85 6.89
C MET A 1 -18.76 -3.78 8.13
N GLY A 2 -18.42 -2.59 8.61
CA GLY A 2 -17.54 -2.37 9.78
C GLY A 2 -17.29 -0.89 10.08
N LYS A 3 -16.46 -0.62 11.10
CA LYS A 3 -16.11 0.74 11.58
C LYS A 3 -15.27 1.58 10.59
N TYR A 4 -14.70 0.95 9.56
CA TYR A 4 -13.94 1.60 8.48
C TYR A 4 -14.87 2.35 7.49
N ASP A 5 -15.48 3.43 7.96
CA ASP A 5 -16.56 4.17 7.28
C ASP A 5 -16.44 5.70 7.43
N LYS A 6 -15.35 6.20 8.03
CA LYS A 6 -15.11 7.64 8.31
C LYS A 6 -13.66 8.08 7.99
N GLN A 7 -12.87 7.19 7.38
CA GLN A 7 -11.46 7.36 7.04
C GLN A 7 -11.07 6.53 5.80
N ILE A 8 -9.93 6.86 5.19
CA ILE A 8 -9.39 6.21 3.99
C ILE A 8 -7.85 6.16 4.03
N ASP A 9 -7.26 5.21 3.30
CA ASP A 9 -5.82 4.97 3.20
C ASP A 9 -5.43 4.56 1.76
N LEU A 10 -4.15 4.73 1.42
CA LEU A 10 -3.48 4.22 0.20
C LEU A 10 -4.27 4.42 -1.12
N SER A 11 -5.05 5.51 -1.21
CA SER A 11 -5.96 5.82 -2.32
C SER A 11 -5.61 7.11 -3.08
N THR A 12 -4.70 7.92 -2.54
CA THR A 12 -4.09 9.10 -3.21
C THR A 12 -2.56 8.98 -3.32
N VAL A 13 -1.97 7.92 -2.78
CA VAL A 13 -0.57 7.52 -2.94
C VAL A 13 -0.28 7.08 -4.39
N ASP A 14 0.99 7.02 -4.79
CA ASP A 14 1.44 6.42 -6.06
C ASP A 14 2.68 5.56 -5.82
N LEU A 15 2.46 4.27 -5.53
CA LEU A 15 3.52 3.32 -5.15
C LEU A 15 4.66 3.22 -6.18
N LYS A 16 4.39 3.54 -7.46
CA LYS A 16 5.38 3.64 -8.54
C LYS A 16 6.41 4.77 -8.28
N LYS A 17 5.94 5.91 -7.76
CA LYS A 17 6.71 7.14 -7.50
C LYS A 17 7.52 7.05 -6.20
N LEU A 18 6.96 6.39 -5.17
CA LEU A 18 7.64 6.09 -3.91
C LEU A 18 8.92 5.25 -4.14
N ARG A 19 9.94 5.50 -3.31
CA ARG A 19 11.18 4.69 -3.22
C ARG A 19 10.99 3.59 -2.16
N VAL A 20 11.88 2.59 -2.11
CA VAL A 20 11.74 1.48 -1.14
C VAL A 20 11.72 1.93 0.32
N LYS A 21 12.37 3.05 0.67
CA LYS A 21 12.27 3.67 2.01
C LYS A 21 10.82 3.99 2.38
N GLU A 22 10.05 4.48 1.40
CA GLU A 22 8.65 4.88 1.57
C GLU A 22 7.66 3.72 1.36
N LEU A 23 8.05 2.65 0.66
CA LEU A 23 7.27 1.41 0.59
C LEU A 23 7.44 0.55 1.86
N LYS A 24 8.67 0.43 2.39
CA LYS A 24 8.96 -0.26 3.66
C LYS A 24 8.10 0.23 4.84
N LYS A 25 7.87 1.55 4.99
CA LYS A 25 7.05 2.07 6.10
C LYS A 25 5.56 1.71 6.02
N ILE A 26 5.01 1.49 4.82
CA ILE A 26 3.64 0.97 4.63
C ILE A 26 3.53 -0.45 5.19
N LEU A 27 4.63 -1.21 5.12
CA LEU A 27 4.72 -2.60 5.61
C LEU A 27 5.01 -2.66 7.12
N ASP A 28 5.91 -1.80 7.62
CA ASP A 28 6.25 -1.69 9.03
C ASP A 28 5.03 -1.29 9.91
N ASP A 29 4.13 -0.45 9.38
CA ASP A 29 2.84 -0.12 10.01
C ASP A 29 1.91 -1.34 10.20
N TRP A 30 2.11 -2.40 9.41
CA TRP A 30 1.40 -3.69 9.49
C TRP A 30 2.23 -4.78 10.19
N GLY A 31 3.44 -4.46 10.66
CA GLY A 31 4.37 -5.40 11.30
C GLY A 31 5.08 -6.35 10.32
N GLU A 32 5.30 -5.93 9.08
CA GLU A 32 5.81 -6.75 7.97
C GLU A 32 7.03 -6.13 7.26
N THR A 33 7.80 -7.00 6.59
CA THR A 33 8.97 -6.68 5.74
C THR A 33 9.17 -7.80 4.69
N CYS A 34 9.97 -7.55 3.65
CA CYS A 34 10.42 -8.62 2.75
C CYS A 34 11.36 -9.60 3.49
N LYS A 35 11.39 -10.87 3.01
CA LYS A 35 12.22 -11.97 3.54
C LYS A 35 13.09 -12.60 2.43
N GLY A 36 13.43 -11.80 1.42
CA GLY A 36 14.23 -12.19 0.26
C GLY A 36 14.25 -11.14 -0.87
N CYS A 37 13.18 -10.35 -1.03
CA CYS A 37 13.12 -9.27 -2.03
C CYS A 37 14.14 -8.14 -1.77
N ALA A 38 14.55 -7.45 -2.84
CA ALA A 38 15.59 -6.41 -2.81
C ALA A 38 15.38 -5.27 -3.84
N GLU A 39 14.20 -5.19 -4.49
CA GLU A 39 13.90 -4.26 -5.57
C GLU A 39 12.50 -3.65 -5.43
N LYS A 40 12.32 -2.42 -5.92
CA LYS A 40 11.13 -1.58 -5.72
C LYS A 40 9.83 -2.25 -6.17
N SER A 41 9.83 -2.89 -7.33
CA SER A 41 8.65 -3.60 -7.87
C SER A 41 8.15 -4.74 -6.96
N ASP A 42 9.05 -5.43 -6.26
CA ASP A 42 8.69 -6.49 -5.31
C ASP A 42 8.14 -5.94 -3.99
N TYR A 43 8.54 -4.74 -3.55
CA TYR A 43 7.91 -4.05 -2.43
C TYR A 43 6.47 -3.60 -2.77
N ILE A 44 6.20 -3.16 -4.01
CA ILE A 44 4.83 -2.90 -4.48
C ILE A 44 3.98 -4.18 -4.45
N ARG A 45 4.54 -5.33 -4.86
CA ARG A 45 3.85 -6.64 -4.75
C ARG A 45 3.58 -7.01 -3.29
N LYS A 46 4.59 -6.95 -2.40
CA LYS A 46 4.45 -7.21 -0.95
C LYS A 46 3.40 -6.30 -0.28
N ILE A 47 3.23 -5.05 -0.74
CA ILE A 47 2.12 -4.19 -0.32
C ILE A 47 0.77 -4.71 -0.85
N ASN A 48 0.63 -4.90 -2.17
CA ASN A 48 -0.64 -5.28 -2.80
C ASN A 48 -1.16 -6.68 -2.36
N GLU A 49 -0.26 -7.56 -1.93
CA GLU A 49 -0.59 -8.86 -1.33
C GLU A 49 -1.31 -8.73 0.03
N LEU A 50 -1.10 -7.62 0.75
CA LEU A 50 -1.49 -7.45 2.16
C LEU A 50 -2.40 -6.23 2.42
N MET A 51 -2.52 -5.31 1.47
CA MET A 51 -3.33 -4.10 1.56
C MET A 51 -4.81 -4.36 1.91
N PRO A 52 -5.53 -5.34 1.30
CA PRO A 52 -6.96 -5.53 1.59
C PRO A 52 -7.26 -6.01 3.02
N LYS A 53 -6.25 -6.54 3.73
CA LYS A 53 -6.30 -6.92 5.16
C LYS A 53 -6.41 -5.69 6.10
N TYR A 54 -5.87 -4.54 5.69
CA TYR A 54 -5.68 -3.35 6.55
C TYR A 54 -6.26 -2.03 5.99
N ALA A 55 -6.53 -1.99 4.68
CA ALA A 55 -7.08 -0.87 3.92
C ALA A 55 -7.96 -1.46 2.77
N PRO A 56 -9.21 -1.89 3.06
CA PRO A 56 -10.02 -2.68 2.13
C PRO A 56 -10.46 -1.95 0.84
N LYS A 57 -10.68 -0.62 0.88
CA LYS A 57 -10.98 0.19 -0.31
C LYS A 57 -9.71 0.42 -1.16
N ALA A 58 -9.89 0.54 -2.48
CA ALA A 58 -8.86 0.71 -3.52
C ALA A 58 -7.85 -0.46 -3.68
N ALA A 59 -7.63 -1.28 -2.65
CA ALA A 59 -6.83 -2.52 -2.73
C ALA A 59 -7.34 -3.46 -3.85
N SER A 60 -6.47 -3.79 -4.80
CA SER A 60 -6.79 -4.55 -6.03
C SER A 60 -7.96 -3.97 -6.87
N ALA A 61 -8.26 -2.68 -6.71
CA ALA A 61 -9.40 -1.98 -7.33
C ALA A 61 -9.07 -0.55 -7.82
N ARG A 62 -7.79 -0.14 -7.80
CA ARG A 62 -7.30 1.18 -8.25
C ARG A 62 -7.71 1.54 -9.69
N THR A 63 -7.78 0.53 -10.55
CA THR A 63 -8.22 0.59 -11.96
C THR A 63 -9.73 0.91 -12.14
N ASP A 64 -10.51 0.97 -11.07
CA ASP A 64 -11.98 1.15 -11.09
C ASP A 64 -12.46 2.37 -10.26
N LEU A 65 -11.54 3.12 -9.65
CA LEU A 65 -11.78 4.40 -8.96
C LEU A 65 -12.35 5.50 -9.89
#